data_3WAY
#
_entry.id   3WAY
#
_cell.length_a   61.556
_cell.length_b   94.524
_cell.length_c   75.242
_cell.angle_alpha   90.000
_cell.angle_beta   93.980
_cell.angle_gamma   90.000
#
_symmetry.space_group_name_H-M   'P 1 21 1'
#
loop_
_entity.id
_entity.type
_entity.pdbx_description
1 polymer 'Ectonucleotide pyrophosphatase/phosphodiesterase family member 2'
2 branched 2-acetamido-2-deoxy-beta-D-glucopyranose-(1-4)-2-acetamido-2-deoxy-beta-D-glucopyranose
3 branched alpha-D-mannopyranose-(1-2)-alpha-D-mannopyranose-(1-3)-alpha-D-mannopyranose-(1-6)-beta-D-mannopyranose-(1-4)-2-acetamido-2-deoxy-beta-D-glucopyranose-(1-4)-2-acetamido-2-deoxy-beta-D-glucopyranose
4 non-polymer 'ZINC ION'
5 non-polymer 'CALCIUM ION'
6 non-polymer 'SODIUM ION'
7 non-polymer 'POTASSIUM ION'
8 non-polymer 'THIOCYANATE ION'
9 non-polymer 1,2-ETHANEDIOL
10 non-polymer '[4-({4-[(5Z)-5-(3,4-dichlorobenzylidene)-4-oxo-4,5-dihydro-1,3-thiazol-2-yl]piperazin-1-yl}methyl)phenyl]boronic acid'
11 water water
#
_entity_poly.entity_id   1
_entity_poly.type   'polypeptide(L)'
_entity_poly.pdbx_seq_one_letter_code
;AEWDEGPPTVLSDSPWTNTSGSCKGRCFELQEVGPPDCRCDNLCKSYSSCCHDFDELCLKTARGWECTKDRCGEVRNEEN
ACHCSEDCLSRGDCCTNYQVVCKGESHWVDDDCEEIRVPECPAGFVRPPLIIFSVDGFRASYMKKGSKVMPNIEKLRSCG
THAPYMRPVYPTKTFPNLYTLATGLYPESHGIVGNSMYDPVFDATFHLRGREKFNHRWWGGQPLWITATKQGVRAGTFFW
SVSIPHERRILTILQWLSLPDNERPSVYAFYSEQPDFSGHKYGPFGPEMTNPLREIDKTVGQLMDGLKQLKLHRCVNVIF
VGDHGMEDVTCDRTEFLSNYLTNVDDITLVPGTLGRIRPKIPNNLKYDPKAIIANLTCKKPDQHFKPYMKQHLPKRLHYA
NNRRIEDLHLLVERRWHVARKPLDVYKKPSGKCFFQGDHGFDNKVNSMQTVFVGYGPTFKYRTKVPPFENIELYNVMCDL
LGLKPAPNNGTHGSLNHLLRTNTFRPTLPEEVSRPNYPGIMYLQSDFDLGCTCDDKNKLEELNKRLHTKGSTEERHLLYG
RPAVLYRTSYDILYHTDFESGYSEIFLMPLWTSYTISKQAEVSSIPEHLTNCVRPDVRVSPGFSQNCLAYKNDKQMSYGF
LFPPYLSSSPEAKYDAFLVTNMVPMYPAFKRVWTYFQRVLVKKYASERNGVNVISGPIFDYNYNGLRDIEDEIKQYVEGS
SIPVPTHYYSIITSCLDFTQPADKCDGPLSVSSFILPHRPDNDESCNSSEDESKWVEELMKMHTARVRDIEHLTGLDFYR
KTSRSYSEILTLKTYLHTYESEISRENLYFQ
;
_entity_poly.pdbx_strand_id   A
#
# COMPACT_ATOMS: atom_id res chain seq x y z
N TRP A 16 22.74 22.02 25.63
CA TRP A 16 22.29 21.95 27.01
C TRP A 16 21.03 22.78 27.21
N THR A 17 20.21 22.38 28.19
CA THR A 17 18.93 23.05 28.47
C THR A 17 18.87 23.71 29.85
N ASN A 18 18.55 25.00 29.88
CA ASN A 18 18.43 25.74 31.14
C ASN A 18 17.08 25.46 31.84
N THR A 19 17.05 24.37 32.59
CA THR A 19 15.85 23.91 33.30
C THR A 19 15.17 24.92 34.25
N SER A 20 15.95 25.88 34.74
CA SER A 20 15.48 26.83 35.76
C SER A 20 14.32 27.72 35.31
N GLY A 21 14.18 27.89 34.00
CA GLY A 21 13.09 28.67 33.43
C GLY A 21 11.71 28.17 33.84
N SER A 22 10.66 28.91 33.46
CA SER A 22 9.33 28.55 33.91
C SER A 22 8.30 28.39 32.79
N CYS A 23 7.32 27.51 33.03
CA CYS A 23 6.20 27.26 32.12
C CYS A 23 4.91 27.95 32.57
N LYS A 24 4.98 29.20 32.99
CA LYS A 24 3.77 29.97 33.30
C LYS A 24 3.29 30.61 32.01
N GLY A 25 2.01 30.44 31.68
CA GLY A 25 1.47 30.95 30.44
C GLY A 25 2.23 30.46 29.21
N ARG A 26 2.85 29.29 29.35
CA ARG A 26 3.65 28.69 28.29
C ARG A 26 3.16 27.27 27.99
N CYS A 27 2.14 26.83 28.71
CA CYS A 27 1.76 25.43 28.66
C CYS A 27 1.34 24.99 27.27
N PHE A 28 2.02 23.95 26.79
CA PHE A 28 1.78 23.42 25.44
C PHE A 28 1.85 24.47 24.36
N GLU A 29 2.84 25.34 24.48
CA GLU A 29 2.94 26.43 23.55
C GLU A 29 3.39 25.87 22.23
N LEU A 30 3.05 26.57 21.16
CA LEU A 30 3.39 26.09 19.84
C LEU A 30 4.72 26.70 19.40
N GLN A 31 5.43 27.30 20.36
CA GLN A 31 6.75 27.92 20.15
C GLN A 31 7.83 26.97 19.65
N GLU A 32 8.52 27.38 18.60
CA GLU A 32 9.75 26.71 18.19
C GLU A 32 10.86 27.21 19.12
N VAL A 33 11.19 26.42 20.14
CA VAL A 33 12.14 26.82 21.17
C VAL A 33 13.15 25.71 21.44
N GLY A 34 14.44 26.08 21.45
CA GLY A 34 15.50 25.11 21.66
C GLY A 34 16.63 25.64 22.54
N PRO A 35 17.84 25.08 22.36
CA PRO A 35 19.02 25.41 23.17
C PRO A 35 19.35 26.91 23.20
N PRO A 36 19.59 27.45 24.41
CA PRO A 36 19.57 26.72 25.68
C PRO A 36 18.25 26.88 26.45
N ASP A 37 17.27 27.55 25.85
CA ASP A 37 15.98 27.81 26.50
C ASP A 37 15.20 26.51 26.79
N CYS A 38 14.58 26.43 27.97
CA CYS A 38 13.81 25.25 28.34
C CYS A 38 12.43 25.25 27.68
N ARG A 39 11.86 24.06 27.46
CA ARG A 39 10.65 23.94 26.64
C ARG A 39 9.39 23.66 27.43
N CYS A 40 8.24 23.89 26.81
CA CYS A 40 6.98 23.62 27.48
C CYS A 40 6.00 22.92 26.56
N ASP A 41 6.50 22.40 25.45
CA ASP A 41 5.67 21.84 24.38
C ASP A 41 5.41 20.35 24.56
N ASN A 42 4.51 19.80 23.76
CA ASN A 42 4.11 18.42 23.96
C ASN A 42 5.22 17.35 23.81
N LEU A 43 6.38 17.75 23.28
CA LEU A 43 7.53 16.83 23.18
C LEU A 43 8.70 17.08 24.13
N CYS A 44 8.59 18.06 25.03
CA CYS A 44 9.75 18.42 25.84
C CYS A 44 10.24 17.30 26.75
N LYS A 45 9.32 16.54 27.37
CA LYS A 45 9.69 15.42 28.25
C LYS A 45 10.54 14.37 27.55
N SER A 46 10.26 14.14 26.27
CA SER A 46 10.99 13.19 25.45
C SER A 46 12.43 13.65 25.20
N TYR A 47 12.69 14.93 25.44
CA TYR A 47 14.05 15.47 25.24
C TYR A 47 14.71 15.93 26.54
N SER A 48 14.10 15.59 27.68
CA SER A 48 14.51 16.14 28.98
C SER A 48 14.84 17.64 28.86
N SER A 49 13.87 18.41 28.39
CA SER A 49 14.15 19.79 28.04
C SER A 49 13.07 20.67 28.65
N CYS A 50 12.21 20.08 29.47
CA CYS A 50 11.09 20.81 30.04
C CYS A 50 11.55 21.78 31.11
N CYS A 51 10.87 22.90 31.25
CA CYS A 51 11.10 23.76 32.41
C CYS A 51 10.77 22.96 33.68
N HIS A 52 11.37 23.34 34.80
CA HIS A 52 11.26 22.56 36.04
C HIS A 52 9.82 22.40 36.53
N ASP A 53 8.96 23.34 36.17
CA ASP A 53 7.59 23.35 36.67
C ASP A 53 6.55 22.94 35.62
N PHE A 54 7.03 22.51 34.45
CA PHE A 54 6.17 21.96 33.40
C PHE A 54 5.14 20.99 33.97
N ASP A 55 5.59 20.02 34.75
CA ASP A 55 4.67 19.04 35.32
C ASP A 55 3.67 19.60 36.34
N GLU A 56 4.08 20.59 37.13
CA GLU A 56 3.14 21.18 38.08
C GLU A 56 2.10 22.07 37.38
N LEU A 57 2.54 22.85 36.40
CA LEU A 57 1.66 23.82 35.75
C LEU A 57 0.93 23.28 34.52
N CYS A 58 1.57 22.36 33.80
CA CYS A 58 1.06 21.96 32.50
C CYS A 58 0.35 20.59 32.53
N LEU A 59 0.75 19.73 33.44
CA LEU A 59 0.11 18.41 33.57
C LEU A 59 -0.78 18.30 34.82
N LYS A 60 -1.67 19.27 34.98
CA LYS A 60 -2.63 19.23 36.09
C LYS A 60 -3.51 17.99 36.01
N THR A 61 -3.69 17.33 37.16
CA THR A 61 -4.49 16.12 37.23
C THR A 61 -5.63 16.25 38.26
N ALA A 62 -5.61 17.36 38.99
CA ALA A 62 -6.48 17.56 40.14
C ALA A 62 -7.97 17.45 39.85
N ARG A 63 -8.60 16.48 40.54
CA ARG A 63 -10.03 16.24 40.49
C ARG A 63 -10.48 15.53 39.22
N GLY A 64 -9.53 15.06 38.43
CA GLY A 64 -9.84 14.22 37.29
C GLY A 64 -10.28 14.96 36.06
N TRP A 65 -10.98 14.25 35.18
CA TRP A 65 -11.23 14.75 33.83
C TRP A 65 -12.68 15.09 33.56
N GLU A 66 -13.55 14.93 34.56
CA GLU A 66 -14.98 15.14 34.34
C GLU A 66 -15.56 16.10 35.35
N CYS A 67 -16.40 17.03 34.87
CA CYS A 67 -17.23 17.83 35.76
C CYS A 67 -18.21 16.91 36.45
N THR A 68 -18.47 17.19 37.73
CA THR A 68 -19.57 16.56 38.47
C THR A 68 -20.58 17.64 38.82
N LYS A 69 -21.80 17.23 39.18
CA LYS A 69 -22.90 18.18 39.40
C LYS A 69 -22.57 19.26 40.44
N ASP A 70 -21.86 18.86 41.49
CA ASP A 70 -21.43 19.79 42.53
C ASP A 70 -20.45 20.86 42.03
N ARG A 71 -19.57 20.49 41.09
CA ARG A 71 -18.57 21.46 40.65
C ARG A 71 -19.14 22.57 39.80
N CYS A 72 -20.40 22.44 39.38
CA CYS A 72 -21.02 23.37 38.43
C CYS A 72 -21.14 24.80 38.93
N GLY A 73 -20.37 25.71 38.33
CA GLY A 73 -20.40 27.10 38.72
C GLY A 73 -19.42 27.38 39.84
N GLU A 74 -18.49 26.43 40.06
CA GLU A 74 -17.45 26.56 41.06
C GLU A 74 -16.64 27.84 40.90
N VAL A 75 -15.84 28.16 41.91
CA VAL A 75 -14.87 29.23 41.76
C VAL A 75 -13.63 28.62 41.11
N ARG A 76 -13.15 29.29 40.09
CA ARG A 76 -12.04 28.80 39.30
C ARG A 76 -10.76 28.60 40.09
N ASN A 77 -10.46 27.34 40.42
CA ASN A 77 -9.14 26.99 40.94
C ASN A 77 -8.21 26.52 39.80
N GLU A 78 -7.10 27.23 39.62
CA GLU A 78 -6.17 26.92 38.54
C GLU A 78 -5.33 25.66 38.84
N GLU A 79 -5.64 24.98 39.94
CA GLU A 79 -4.94 23.75 40.27
C GLU A 79 -5.65 22.57 39.60
N ASN A 80 -6.89 22.80 39.17
CA ASN A 80 -7.71 21.75 38.58
C ASN A 80 -7.28 21.38 37.16
N ALA A 81 -7.37 20.09 36.85
CA ALA A 81 -7.06 19.58 35.51
C ALA A 81 -7.90 20.22 34.42
N CYS A 82 -9.19 20.41 34.71
CA CYS A 82 -10.09 21.10 33.81
C CYS A 82 -11.18 21.76 34.66
N HIS A 83 -12.02 22.60 34.07
CA HIS A 83 -12.82 23.54 34.87
C HIS A 83 -14.30 23.38 34.61
N CYS A 84 -15.10 23.76 35.61
CA CYS A 84 -16.55 23.68 35.54
C CYS A 84 -17.14 24.99 36.05
N SER A 85 -16.30 26.01 36.03
CA SER A 85 -16.64 27.35 36.47
C SER A 85 -17.40 28.06 35.37
N GLU A 86 -18.15 29.09 35.75
CA GLU A 86 -18.93 29.85 34.78
C GLU A 86 -18.11 30.40 33.59
N ASP A 87 -16.84 30.74 33.83
CA ASP A 87 -16.02 31.39 32.82
C ASP A 87 -15.27 30.44 31.86
N CYS A 88 -15.23 29.16 32.21
CA CYS A 88 -14.38 28.20 31.51
C CYS A 88 -14.61 28.20 30.01
N LEU A 89 -15.84 28.47 29.57
CA LEU A 89 -16.18 28.31 28.15
C LEU A 89 -15.44 29.22 27.17
N SER A 90 -15.32 30.51 27.49
CA SER A 90 -14.65 31.46 26.62
C SER A 90 -13.14 31.36 26.83
N ARG A 91 -12.77 30.89 28.02
CA ARG A 91 -11.39 30.54 28.33
C ARG A 91 -10.88 29.28 27.62
N GLY A 92 -11.82 28.45 27.15
CA GLY A 92 -11.52 27.25 26.38
C GLY A 92 -11.02 26.02 27.16
N ASP A 93 -11.16 26.03 28.48
CA ASP A 93 -10.63 24.95 29.31
C ASP A 93 -11.65 24.28 30.24
N CYS A 94 -12.90 24.23 29.81
CA CYS A 94 -13.90 23.40 30.46
C CYS A 94 -13.53 21.91 30.36
N CYS A 95 -13.88 21.11 31.38
CA CYS A 95 -13.97 19.66 31.15
C CYS A 95 -14.92 19.41 29.98
N THR A 96 -14.70 18.33 29.23
CA THR A 96 -15.44 18.16 27.98
C THR A 96 -16.93 17.90 28.20
N ASN A 97 -17.27 17.43 29.40
CA ASN A 97 -18.67 17.14 29.71
C ASN A 97 -19.33 18.30 30.48
N TYR A 98 -18.63 19.43 30.56
CA TYR A 98 -19.12 20.60 31.32
C TYR A 98 -20.60 20.96 31.03
N GLN A 99 -20.92 21.20 29.76
CA GLN A 99 -22.24 21.64 29.36
C GLN A 99 -23.27 20.56 29.58
N VAL A 100 -22.86 19.31 29.53
CA VAL A 100 -23.82 18.23 29.70
C VAL A 100 -24.26 18.18 31.17
N VAL A 101 -23.28 18.21 32.06
CA VAL A 101 -23.54 18.08 33.48
C VAL A 101 -24.15 19.36 34.02
N CYS A 102 -23.60 20.50 33.59
CA CYS A 102 -23.90 21.80 34.16
C CYS A 102 -24.91 22.67 33.39
N LYS A 103 -25.25 22.30 32.15
CA LYS A 103 -26.11 23.16 31.33
C LYS A 103 -27.17 22.39 30.56
N GLY A 104 -27.46 21.18 31.04
CA GLY A 104 -28.49 20.34 30.45
C GLY A 104 -28.34 20.04 28.97
N GLU A 105 -27.10 20.08 28.46
CA GLU A 105 -26.84 19.63 27.09
C GLU A 105 -26.74 18.11 26.97
N SER A 106 -26.89 17.62 25.75
CA SER A 106 -26.78 16.19 25.48
C SER A 106 -25.36 15.87 25.04
N HIS A 107 -24.87 14.67 25.36
CA HIS A 107 -23.64 14.19 24.74
C HIS A 107 -23.82 14.14 23.22
N TRP A 108 -22.75 14.43 22.48
CA TRP A 108 -22.78 14.36 21.01
C TRP A 108 -23.34 13.02 20.53
N VAL A 109 -22.96 11.96 21.23
CA VAL A 109 -23.29 10.61 20.75
C VAL A 109 -24.81 10.42 20.83
N ASP A 110 -25.47 11.18 21.68
CA ASP A 110 -26.92 10.99 21.87
C ASP A 110 -27.75 11.83 20.87
N ASP A 111 -27.08 12.71 20.13
CA ASP A 111 -27.77 13.47 19.10
C ASP A 111 -27.86 12.68 17.82
N ASP A 112 -28.95 12.87 17.08
CA ASP A 112 -29.07 12.16 15.81
C ASP A 112 -28.13 12.77 14.82
N CYS A 113 -27.63 11.94 13.89
CA CYS A 113 -26.86 12.41 12.75
C CYS A 113 -27.67 13.30 11.87
N GLU A 114 -27.05 14.37 11.44
CA GLU A 114 -27.64 15.20 10.43
C GLU A 114 -26.58 15.46 9.36
N GLU A 115 -26.96 15.40 8.09
CA GLU A 115 -26.00 15.73 7.05
C GLU A 115 -25.29 17.11 7.23
N ILE A 116 -23.98 17.15 7.01
CA ILE A 116 -23.23 18.40 7.05
C ILE A 116 -22.88 18.81 5.62
N ARG A 117 -23.67 19.70 5.03
CA ARG A 117 -23.52 20.01 3.60
C ARG A 117 -22.43 21.03 3.28
N VAL A 118 -22.19 21.96 4.21
CA VAL A 118 -21.11 22.89 4.09
C VAL A 118 -20.58 23.08 5.49
N PRO A 119 -19.34 23.55 5.62
CA PRO A 119 -18.89 23.66 7.00
C PRO A 119 -19.65 24.74 7.76
N GLU A 120 -19.93 24.46 9.03
CA GLU A 120 -20.57 25.39 9.95
C GLU A 120 -19.58 25.75 11.05
N CYS A 121 -18.75 26.74 10.71
CA CYS A 121 -17.61 27.12 11.52
C CYS A 121 -17.84 28.50 12.11
N PRO A 122 -17.25 28.79 13.28
CA PRO A 122 -17.40 30.10 13.92
C PRO A 122 -16.78 31.19 13.06
N ALA A 123 -17.13 32.44 13.31
CA ALA A 123 -16.51 33.50 12.56
C ALA A 123 -15.01 33.45 12.89
N GLY A 124 -14.18 33.67 11.88
CA GLY A 124 -12.75 33.63 12.10
C GLY A 124 -12.12 32.36 11.54
N PHE A 125 -12.92 31.33 11.34
CA PHE A 125 -12.46 30.12 10.65
C PHE A 125 -12.64 30.24 9.14
N VAL A 126 -11.57 30.02 8.40
CA VAL A 126 -11.52 30.28 6.97
C VAL A 126 -11.53 28.95 6.25
N ARG A 127 -11.21 27.89 6.99
CA ARG A 127 -11.21 26.52 6.48
C ARG A 127 -11.53 25.53 7.62
N PRO A 128 -12.13 24.39 7.28
CA PRO A 128 -12.43 23.38 8.30
C PRO A 128 -11.09 22.83 8.80
N PRO A 129 -10.85 22.86 10.09
CA PRO A 129 -9.67 22.16 10.64
C PRO A 129 -9.75 20.65 10.40
N LEU A 130 -8.58 20.00 10.43
CA LEU A 130 -8.48 18.54 10.27
C LEU A 130 -7.91 18.01 11.57
N ILE A 131 -8.57 17.03 12.17
CA ILE A 131 -8.03 16.33 13.31
C ILE A 131 -7.87 14.85 12.93
N ILE A 132 -6.65 14.35 13.03
CA ILE A 132 -6.37 12.95 12.74
C ILE A 132 -6.35 12.24 14.10
N PHE A 133 -7.22 11.24 14.27
CA PHE A 133 -7.31 10.55 15.52
C PHE A 133 -6.74 9.15 15.24
N SER A 134 -5.49 8.90 15.57
CA SER A 134 -4.88 7.60 15.24
C SER A 134 -4.86 6.64 16.41
N VAL A 135 -5.15 5.38 16.11
CA VAL A 135 -5.21 4.38 17.12
C VAL A 135 -4.32 3.19 16.70
N ASP A 136 -3.54 2.69 17.62
CA ASP A 136 -2.52 1.73 17.27
C ASP A 136 -3.10 0.33 17.32
N GLY A 137 -2.87 -0.47 16.28
CA GLY A 137 -3.27 -1.88 16.35
C GLY A 137 -4.77 -2.12 16.32
N PHE A 138 -5.49 -1.15 15.79
CA PHE A 138 -6.94 -1.26 15.65
C PHE A 138 -7.31 -2.09 14.40
N ARG A 139 -7.54 -3.37 14.66
CA ARG A 139 -7.93 -4.31 13.62
C ARG A 139 -9.26 -3.92 13.00
N ALA A 140 -9.38 -4.04 11.68
CA ALA A 140 -10.59 -3.59 11.00
C ALA A 140 -11.84 -4.25 11.59
N SER A 141 -11.71 -5.52 11.95
CA SER A 141 -12.87 -6.32 12.37
C SER A 141 -13.34 -5.91 13.77
N TYR A 142 -12.52 -5.14 14.51
CA TYR A 142 -13.03 -4.61 15.82
C TYR A 142 -14.25 -3.72 15.66
N MET A 143 -14.40 -3.09 14.48
CA MET A 143 -15.53 -2.20 14.25
C MET A 143 -16.84 -2.92 14.38
N LYS A 144 -16.82 -4.22 14.06
CA LYS A 144 -18.04 -5.05 14.18
C LYS A 144 -18.62 -5.09 15.59
N LYS A 145 -17.80 -4.78 16.60
CA LYS A 145 -18.29 -4.70 17.96
C LYS A 145 -19.40 -3.64 18.14
N GLY A 146 -19.38 -2.63 17.27
CA GLY A 146 -20.57 -1.83 17.08
C GLY A 146 -20.81 -0.91 18.26
N SER A 147 -21.99 -0.30 18.28
CA SER A 147 -22.28 0.74 19.27
C SER A 147 -22.42 0.19 20.66
N LYS A 148 -22.54 -1.13 20.79
CA LYS A 148 -22.57 -1.71 22.13
C LYS A 148 -21.30 -1.44 22.86
N VAL A 149 -20.19 -1.44 22.14
CA VAL A 149 -18.91 -1.24 22.80
C VAL A 149 -18.37 0.17 22.53
N MET A 150 -18.63 0.71 21.34
CA MET A 150 -17.96 1.95 20.89
C MET A 150 -19.00 2.83 20.23
N PRO A 151 -19.90 3.40 21.04
CA PRO A 151 -20.98 4.14 20.38
C PRO A 151 -20.56 5.43 19.66
N ASN A 152 -19.54 6.11 20.18
CA ASN A 152 -19.12 7.34 19.55
C ASN A 152 -18.45 7.00 18.23
N ILE A 153 -17.57 6.00 18.24
CA ILE A 153 -16.92 5.57 17.01
C ILE A 153 -17.95 5.04 15.98
N GLU A 154 -18.93 4.31 16.48
CA GLU A 154 -19.98 3.81 15.60
C GLU A 154 -20.79 4.93 14.96
N LYS A 155 -20.99 6.02 15.70
CA LYS A 155 -21.68 7.18 15.12
C LYS A 155 -20.83 7.79 13.99
N LEU A 156 -19.53 7.97 14.26
CA LEU A 156 -18.65 8.52 13.25
C LEU A 156 -18.69 7.63 12.01
N ARG A 157 -18.63 6.33 12.24
CA ARG A 157 -18.58 5.34 11.18
C ARG A 157 -19.87 5.33 10.37
N SER A 158 -21.01 5.25 11.06
CA SER A 158 -22.26 5.13 10.31
C SER A 158 -22.68 6.42 9.66
N CYS A 159 -22.33 7.55 10.26
CA CYS A 159 -22.79 8.83 9.72
C CYS A 159 -21.85 9.43 8.73
N GLY A 160 -20.58 9.02 8.78
CA GLY A 160 -19.57 9.65 7.94
C GLY A 160 -19.32 8.76 6.75
N THR A 161 -18.06 8.77 6.30
CA THR A 161 -17.61 7.97 5.19
C THR A 161 -16.67 6.90 5.75
N HIS A 162 -16.97 5.61 5.51
CA HIS A 162 -16.14 4.52 6.06
C HIS A 162 -15.73 3.54 5.01
N ALA A 163 -14.55 2.94 5.18
CA ALA A 163 -14.10 1.79 4.37
C ALA A 163 -14.30 0.57 5.29
N PRO A 164 -14.56 -0.59 4.69
CA PRO A 164 -14.64 -1.80 5.52
C PRO A 164 -13.28 -2.10 6.12
N TYR A 165 -12.22 -1.66 5.45
CA TYR A 165 -10.89 -1.71 6.03
C TYR A 165 -9.95 -0.91 5.19
N MET A 166 -8.80 -0.60 5.79
CA MET A 166 -7.72 0.11 5.08
C MET A 166 -6.50 -0.80 5.12
N ARG A 167 -5.80 -0.96 3.98
CA ARG A 167 -4.62 -1.83 3.92
C ARG A 167 -3.40 -1.03 4.39
N PRO A 168 -2.68 -1.57 5.38
CA PRO A 168 -1.40 -0.97 5.82
C PRO A 168 -0.26 -1.27 4.83
N VAL A 169 0.97 -0.77 5.10
CA VAL A 169 2.11 -1.19 4.30
C VAL A 169 2.88 -2.27 5.04
N TYR A 170 3.66 -3.01 4.27
CA TYR A 170 4.54 -4.00 4.88
C TYR A 170 5.89 -3.35 5.21
N PRO A 171 6.49 -3.76 6.32
CA PRO A 171 5.93 -4.66 7.35
C PRO A 171 4.83 -3.98 8.14
N THR A 172 3.90 -4.78 8.65
CA THR A 172 2.73 -4.21 9.28
C THR A 172 2.98 -3.92 10.78
N LYS A 173 3.94 -3.01 11.01
CA LYS A 173 4.32 -2.54 12.34
C LYS A 173 4.21 -1.04 12.38
N THR A 174 4.36 -0.49 13.57
CA THR A 174 3.97 0.92 13.82
C THR A 174 4.77 1.96 13.14
N PHE A 175 6.08 1.94 13.36
CA PHE A 175 6.86 3.03 12.75
C PHE A 175 6.74 3.13 11.21
N PRO A 176 6.90 2.00 10.49
CA PRO A 176 6.74 2.10 9.03
C PRO A 176 5.34 2.62 8.64
N ASN A 177 4.30 2.20 9.35
CA ASN A 177 2.98 2.63 8.98
C ASN A 177 2.59 4.04 9.36
N LEU A 178 2.92 4.45 10.58
CA LEU A 178 2.66 5.85 10.94
C LEU A 178 3.42 6.80 9.98
N TYR A 179 4.65 6.46 9.61
CA TYR A 179 5.32 7.42 8.76
C TYR A 179 4.79 7.37 7.31
N THR A 180 4.29 6.22 6.88
CA THR A 180 3.65 6.11 5.56
C THR A 180 2.38 6.96 5.56
N LEU A 181 1.61 6.85 6.65
CA LEU A 181 0.37 7.69 6.74
C LEU A 181 0.75 9.18 6.60
N ALA A 182 1.86 9.56 7.22
CA ALA A 182 2.27 11.00 7.25
C ALA A 182 2.85 11.47 5.92
N THR A 183 3.36 10.54 5.11
CA THR A 183 4.10 10.94 3.91
C THR A 183 3.56 10.51 2.56
N GLY A 184 2.67 9.52 2.52
CA GLY A 184 2.21 8.89 1.29
C GLY A 184 3.24 8.02 0.62
N LEU A 185 4.35 7.71 1.34
CA LEU A 185 5.44 6.95 0.72
C LEU A 185 5.51 5.52 1.23
N TYR A 186 5.96 4.62 0.37
CA TYR A 186 6.36 3.29 0.83
C TYR A 186 7.54 3.40 1.76
N PRO A 187 7.65 2.48 2.73
CA PRO A 187 8.79 2.48 3.65
C PRO A 187 10.14 2.46 2.89
N GLU A 188 10.23 1.77 1.77
CA GLU A 188 11.55 1.67 1.09
C GLU A 188 11.93 3.10 0.65
N SER A 189 10.93 3.98 0.50
CA SER A 189 11.20 5.36 0.04
C SER A 189 11.35 6.34 1.19
N HIS A 190 10.46 6.30 2.19
CA HIS A 190 10.66 7.16 3.36
C HIS A 190 11.81 6.79 4.30
N GLY A 191 12.22 5.53 4.26
CA GLY A 191 13.39 5.06 5.01
C GLY A 191 13.10 4.32 6.33
N ILE A 192 11.89 4.44 6.87
CA ILE A 192 11.58 3.78 8.12
C ILE A 192 11.07 2.36 7.72
N VAL A 193 12.02 1.46 7.40
CA VAL A 193 11.63 0.17 6.83
C VAL A 193 11.30 -0.85 7.92
N GLY A 194 11.55 -0.44 9.14
CA GLY A 194 11.22 -1.20 10.31
C GLY A 194 11.14 -0.46 11.65
N ASN A 195 10.55 -1.07 12.69
CA ASN A 195 10.63 -0.56 14.05
C ASN A 195 12.07 -0.68 14.57
N SER A 196 12.81 -1.64 14.02
CA SER A 196 14.25 -1.74 14.25
C SER A 196 14.94 -1.79 12.91
N MET A 197 16.06 -1.07 12.75
CA MET A 197 16.82 -1.14 11.50
C MET A 197 18.32 -0.96 11.70
N TYR A 198 19.10 -1.53 10.78
CA TYR A 198 20.53 -1.23 10.75
C TYR A 198 20.84 -0.55 9.44
N ASP A 199 21.55 0.58 9.51
CA ASP A 199 21.95 1.29 8.29
C ASP A 199 23.46 1.10 8.13
N PRO A 200 23.85 0.38 7.10
CA PRO A 200 25.27 -0.04 6.90
C PRO A 200 26.19 1.15 6.63
N VAL A 201 25.64 2.24 6.06
CA VAL A 201 26.42 3.45 5.77
C VAL A 201 26.62 4.28 7.03
N PHE A 202 25.56 4.54 7.80
CA PHE A 202 25.70 5.14 9.12
C PHE A 202 26.46 4.22 10.07
N ASP A 203 26.42 2.90 9.82
CA ASP A 203 26.82 1.89 10.80
C ASP A 203 26.15 2.19 12.13
N ALA A 204 24.82 2.33 12.08
CA ALA A 204 24.10 2.71 13.26
C ALA A 204 22.78 1.94 13.26
N THR A 205 22.24 1.76 14.46
CA THR A 205 21.04 0.96 14.67
C THR A 205 19.93 1.81 15.30
N PHE A 206 18.78 1.80 14.63
CA PHE A 206 17.54 2.43 15.04
C PHE A 206 16.80 1.42 15.88
N HIS A 207 16.43 1.80 17.09
CA HIS A 207 15.62 0.93 17.97
C HIS A 207 14.36 1.66 18.40
N LEU A 208 13.30 0.89 18.60
CA LEU A 208 12.11 1.39 19.27
C LEU A 208 12.53 2.20 20.46
N ARG A 209 13.27 1.55 21.37
CA ARG A 209 13.82 2.18 22.58
C ARG A 209 15.00 3.07 22.26
N GLY A 210 15.10 4.22 22.92
CA GLY A 210 16.35 4.97 22.86
C GLY A 210 16.40 6.16 21.95
N ARG A 211 17.62 6.68 21.79
CA ARG A 211 17.85 8.02 21.27
C ARG A 211 18.07 8.08 19.77
N GLU A 212 18.67 7.04 19.20
CA GLU A 212 19.08 7.08 17.79
C GLU A 212 17.92 7.52 16.88
N LYS A 213 16.73 7.04 17.19
CA LYS A 213 15.53 7.30 16.38
C LYS A 213 15.17 8.80 16.31
N PHE A 214 15.75 9.60 17.22
CA PHE A 214 15.46 11.03 17.25
C PHE A 214 16.30 11.78 16.23
N ASN A 215 17.39 11.14 15.79
CA ASN A 215 18.26 11.73 14.78
C ASN A 215 17.48 11.86 13.45
N HIS A 216 17.45 13.06 12.90
CA HIS A 216 16.63 13.32 11.72
C HIS A 216 17.12 12.59 10.47
N ARG A 217 18.35 12.05 10.54
CA ARG A 217 18.96 11.40 9.37
C ARG A 217 18.19 10.14 8.96
N TRP A 218 17.38 9.59 9.85
CA TRP A 218 16.64 8.38 9.46
C TRP A 218 15.43 8.67 8.58
N TRP A 219 14.86 9.86 8.73
CA TRP A 219 13.48 10.13 8.28
C TRP A 219 13.45 10.85 6.96
N GLY A 220 13.04 10.18 5.88
CA GLY A 220 13.00 10.70 4.54
C GLY A 220 11.63 11.24 4.13
N GLY A 221 11.50 11.69 2.89
CA GLY A 221 10.24 12.23 2.38
C GLY A 221 9.81 13.52 3.10
N GLN A 222 8.54 13.86 2.97
CA GLN A 222 8.09 15.08 3.61
C GLN A 222 6.73 14.87 4.30
N PRO A 223 6.73 14.79 5.64
CA PRO A 223 5.50 14.48 6.37
C PRO A 223 4.50 15.63 6.33
N LEU A 224 3.24 15.29 6.59
CA LEU A 224 2.15 16.24 6.40
C LEU A 224 2.43 17.53 7.15
N TRP A 225 3.01 17.46 8.35
CA TRP A 225 3.14 18.70 9.14
C TRP A 225 4.16 19.64 8.52
N ILE A 226 5.18 19.05 7.89
CA ILE A 226 6.14 19.83 7.11
C ILE A 226 5.54 20.43 5.83
N THR A 227 4.82 19.61 5.06
CA THR A 227 4.14 20.13 3.88
C THR A 227 3.22 21.30 4.24
N ALA A 228 2.53 21.18 5.38
CA ALA A 228 1.60 22.21 5.78
C ALA A 228 2.41 23.46 6.11
N THR A 229 3.44 23.26 6.91
CA THR A 229 4.21 24.41 7.40
C THR A 229 4.85 25.17 6.24
N LYS A 230 5.40 24.42 5.27
CA LYS A 230 6.07 25.02 4.15
C LYS A 230 5.12 25.79 3.24
N GLN A 231 3.84 25.42 3.27
CA GLN A 231 2.79 26.11 2.53
C GLN A 231 1.94 27.07 3.38
N GLY A 232 2.44 27.45 4.55
CA GLY A 232 1.82 28.50 5.35
C GLY A 232 0.59 28.06 6.11
N VAL A 233 0.48 26.76 6.39
CA VAL A 233 -0.65 26.24 7.17
C VAL A 233 -0.10 25.75 8.51
N ARG A 234 -0.69 26.21 9.61
CA ARG A 234 -0.15 25.92 10.93
C ARG A 234 -0.59 24.50 11.33
N ALA A 235 0.38 23.69 11.73
CA ALA A 235 0.08 22.37 12.30
C ALA A 235 0.25 22.32 13.84
N GLY A 236 -0.66 21.66 14.58
CA GLY A 236 -0.50 21.46 16.00
C GLY A 236 0.52 20.33 16.06
N THR A 237 1.25 20.21 17.16
CA THR A 237 2.27 19.16 17.21
C THR A 237 1.60 17.79 17.27
N PHE A 238 2.00 16.92 16.34
CA PHE A 238 1.42 15.59 16.10
C PHE A 238 1.80 14.58 17.18
N PHE A 239 3.02 14.70 17.71
CA PHE A 239 3.57 13.76 18.69
C PHE A 239 3.37 14.22 20.09
N TRP A 240 3.20 13.25 20.95
CA TRP A 240 2.99 13.56 22.32
C TRP A 240 3.91 12.68 23.13
N SER A 241 4.63 13.30 24.07
CA SER A 241 5.44 12.52 25.02
C SER A 241 4.55 11.49 25.67
N VAL A 242 5.11 10.28 25.81
CA VAL A 242 4.30 9.16 26.23
C VAL A 242 3.64 9.39 27.60
N SER A 243 4.24 10.24 28.43
CA SER A 243 3.70 10.52 29.75
C SER A 243 2.43 11.40 29.76
N ILE A 244 2.18 12.16 28.70
CA ILE A 244 0.94 12.94 28.64
C ILE A 244 -0.29 12.03 28.44
N PRO A 245 -1.19 11.99 29.43
CA PRO A 245 -2.38 11.11 29.33
C PRO A 245 -3.33 11.53 28.17
N HIS A 246 -4.07 10.58 27.65
CA HIS A 246 -4.98 10.84 26.53
C HIS A 246 -5.94 11.97 26.84
N GLU A 247 -6.46 12.02 28.06
CA GLU A 247 -7.41 13.10 28.40
C GLU A 247 -6.78 14.49 28.25
N ARG A 248 -5.51 14.61 28.61
CA ARG A 248 -4.79 15.86 28.46
C ARG A 248 -4.52 16.16 26.98
N ARG A 249 -4.31 15.15 26.15
CA ARG A 249 -4.06 15.43 24.75
C ARG A 249 -5.32 16.05 24.15
N ILE A 250 -6.47 15.47 24.50
CA ILE A 250 -7.74 15.99 24.00
C ILE A 250 -7.98 17.42 24.48
N LEU A 251 -7.79 17.65 25.79
CA LEU A 251 -7.94 19.02 26.33
C LEU A 251 -7.04 20.06 25.64
N THR A 252 -5.81 19.67 25.34
CA THR A 252 -4.86 20.51 24.64
C THR A 252 -5.27 20.81 23.24
N ILE A 253 -5.74 19.80 22.51
CA ILE A 253 -6.25 20.06 21.14
C ILE A 253 -7.41 21.04 21.24
N LEU A 254 -8.33 20.80 22.16
CA LEU A 254 -9.48 21.71 22.32
C LEU A 254 -9.05 23.14 22.67
N GLN A 255 -8.07 23.27 23.55
CA GLN A 255 -7.51 24.58 23.90
C GLN A 255 -6.87 25.27 22.68
N TRP A 256 -6.09 24.52 21.90
CA TRP A 256 -5.51 25.10 20.70
C TRP A 256 -6.57 25.58 19.72
N LEU A 257 -7.71 24.88 19.65
CA LEU A 257 -8.80 25.28 18.77
C LEU A 257 -9.49 26.55 19.24
N SER A 258 -9.28 26.89 20.50
CA SER A 258 -9.85 28.14 21.09
C SER A 258 -8.89 29.33 21.04
N LEU A 259 -7.74 29.14 20.42
CA LEU A 259 -6.76 30.20 20.29
C LEU A 259 -7.24 31.33 19.36
N PRO A 260 -6.60 32.52 19.49
CA PRO A 260 -6.83 33.65 18.60
C PRO A 260 -6.66 33.23 17.15
N ASP A 261 -7.48 33.80 16.27
CA ASP A 261 -7.38 33.53 14.83
C ASP A 261 -5.94 33.52 14.28
N ASN A 262 -5.06 34.37 14.81
CA ASN A 262 -3.72 34.42 14.27
C ASN A 262 -2.76 33.38 14.89
N GLU A 263 -3.24 32.54 15.83
CA GLU A 263 -2.39 31.51 16.39
C GLU A 263 -2.95 30.09 16.13
N ARG A 264 -4.25 30.01 15.90
CA ARG A 264 -4.89 28.67 15.89
C ARG A 264 -4.39 27.76 14.73
N PRO A 265 -3.96 26.52 15.06
CA PRO A 265 -3.59 25.59 13.98
C PRO A 265 -4.76 25.10 13.12
N SER A 266 -4.45 24.61 11.92
CA SER A 266 -5.48 24.04 11.07
C SER A 266 -5.48 22.51 11.07
N VAL A 267 -4.36 21.91 11.49
CA VAL A 267 -4.34 20.42 11.53
C VAL A 267 -3.80 19.95 12.88
N TYR A 268 -4.37 18.83 13.37
CA TYR A 268 -4.10 18.36 14.71
C TYR A 268 -4.06 16.86 14.62
N ALA A 269 -3.29 16.29 15.53
CA ALA A 269 -3.27 14.81 15.61
C ALA A 269 -3.31 14.37 17.06
N PHE A 270 -4.08 13.30 17.28
CA PHE A 270 -4.17 12.62 18.53
C PHE A 270 -3.64 11.20 18.21
N TYR A 271 -2.96 10.58 19.18
CA TYR A 271 -2.48 9.21 19.04
C TYR A 271 -2.69 8.42 20.35
N SER A 272 -3.15 7.19 20.21
CA SER A 272 -3.23 6.27 21.33
C SER A 272 -2.50 4.96 21.02
N GLU A 273 -1.79 4.41 22.00
CA GLU A 273 -1.08 3.13 21.89
C GLU A 273 -2.04 1.96 21.99
N GLN A 274 -3.29 2.26 22.36
CA GLN A 274 -4.35 1.24 22.40
C GLN A 274 -5.12 1.28 21.09
N PRO A 275 -5.72 0.15 20.67
CA PRO A 275 -5.80 -1.12 21.41
C PRO A 275 -4.63 -2.11 21.16
N ASP A 276 -3.52 -1.64 20.59
CA ASP A 276 -2.38 -2.50 20.33
C ASP A 276 -1.84 -3.22 21.55
N PHE A 277 -1.64 -2.43 22.60
CA PHE A 277 -1.05 -2.93 23.81
C PHE A 277 -1.82 -4.11 24.40
N SER A 278 -3.13 -3.92 24.57
CA SER A 278 -4.01 -4.98 25.02
C SER A 278 -4.15 -6.13 23.99
N GLY A 279 -4.16 -5.82 22.69
CA GLY A 279 -4.13 -6.91 21.72
C GLY A 279 -2.90 -7.82 21.85
N HIS A 280 -1.73 -7.25 22.01
CA HIS A 280 -0.55 -8.09 22.25
C HIS A 280 -0.74 -9.00 23.46
N LYS A 281 -1.23 -8.43 24.55
CA LYS A 281 -1.33 -9.22 25.80
C LYS A 281 -2.36 -10.31 25.70
N TYR A 282 -3.52 -10.00 25.10
CA TYR A 282 -4.70 -10.86 25.19
C TYR A 282 -5.19 -11.50 23.91
N GLY A 283 -4.64 -11.06 22.78
CA GLY A 283 -5.01 -11.55 21.47
C GLY A 283 -6.22 -10.81 20.95
N PRO A 284 -6.44 -10.83 19.62
CA PRO A 284 -7.51 -9.96 19.13
C PRO A 284 -8.91 -10.36 19.51
N PHE A 285 -9.12 -11.64 19.80
CA PHE A 285 -10.49 -12.08 20.11
C PHE A 285 -10.70 -12.32 21.57
N GLY A 286 -9.76 -11.86 22.39
CA GLY A 286 -9.82 -11.97 23.84
C GLY A 286 -10.96 -11.13 24.41
N PRO A 287 -11.58 -11.62 25.51
CA PRO A 287 -12.60 -10.78 26.18
C PRO A 287 -11.96 -9.58 26.82
N GLU A 288 -10.68 -9.67 27.11
CA GLU A 288 -10.03 -8.52 27.71
C GLU A 288 -9.97 -7.31 26.77
N MET A 289 -10.31 -7.48 25.48
CA MET A 289 -10.26 -6.36 24.49
C MET A 289 -11.36 -5.33 24.62
N THR A 290 -12.47 -5.74 25.25
CA THR A 290 -13.62 -4.85 25.32
C THR A 290 -13.28 -3.59 26.09
N ASN A 291 -12.55 -3.75 27.18
CA ASN A 291 -12.25 -2.62 28.02
C ASN A 291 -11.39 -1.54 27.31
N PRO A 292 -10.28 -1.93 26.64
CA PRO A 292 -9.59 -0.82 25.96
C PRO A 292 -10.39 -0.22 24.80
N LEU A 293 -11.20 -1.02 24.09
CA LEU A 293 -12.05 -0.42 23.07
C LEU A 293 -13.04 0.58 23.71
N ARG A 294 -13.56 0.23 24.88
CA ARG A 294 -14.43 1.18 25.55
C ARG A 294 -13.69 2.43 25.92
N GLU A 295 -12.44 2.29 26.32
CA GLU A 295 -11.69 3.47 26.79
C GLU A 295 -11.38 4.37 25.60
N ILE A 296 -11.10 3.77 24.45
CA ILE A 296 -10.82 4.60 23.28
C ILE A 296 -12.09 5.34 22.85
N ASP A 297 -13.21 4.62 22.87
CA ASP A 297 -14.46 5.27 22.53
C ASP A 297 -14.78 6.44 23.45
N LYS A 298 -14.50 6.26 24.74
CA LYS A 298 -14.70 7.35 25.71
C LYS A 298 -13.89 8.60 25.33
N THR A 299 -12.64 8.38 24.89
CA THR A 299 -11.78 9.47 24.42
C THR A 299 -12.35 10.17 23.19
N VAL A 300 -12.89 9.42 22.24
CA VAL A 300 -13.52 10.00 21.05
C VAL A 300 -14.71 10.86 21.51
N GLY A 301 -15.42 10.33 22.51
CA GLY A 301 -16.55 11.02 23.14
C GLY A 301 -16.19 12.38 23.72
N GLN A 302 -15.07 12.40 24.43
CA GLN A 302 -14.57 13.63 25.03
C GLN A 302 -14.25 14.61 23.91
N LEU A 303 -13.66 14.09 22.83
CA LEU A 303 -13.28 15.00 21.75
C LEU A 303 -14.53 15.57 21.11
N MET A 304 -15.52 14.73 20.82
CA MET A 304 -16.72 15.21 20.10
C MET A 304 -17.60 16.09 21.04
N ASP A 305 -17.74 15.70 22.30
CA ASP A 305 -18.40 16.56 23.31
C ASP A 305 -17.72 17.92 23.38
N GLY A 306 -16.38 17.90 23.41
CA GLY A 306 -15.58 19.11 23.44
C GLY A 306 -15.80 19.99 22.24
N LEU A 307 -15.86 19.38 21.05
CA LEU A 307 -16.03 20.14 19.81
C LEU A 307 -17.43 20.75 19.78
N LYS A 308 -18.39 19.98 20.26
CA LYS A 308 -19.76 20.46 20.31
C LYS A 308 -19.85 21.72 21.21
N GLN A 309 -19.22 21.69 22.39
CA GLN A 309 -19.17 22.84 23.34
C GLN A 309 -18.53 24.08 22.72
N LEU A 310 -17.59 23.86 21.82
CA LEU A 310 -16.95 24.93 21.07
C LEU A 310 -17.68 25.35 19.81
N LYS A 311 -18.84 24.70 19.54
CA LYS A 311 -19.56 24.91 18.29
C LYS A 311 -18.80 24.50 17.01
N LEU A 312 -18.04 23.40 17.13
CA LEU A 312 -17.15 23.00 16.05
C LEU A 312 -17.46 21.60 15.55
N HIS A 313 -18.52 20.96 16.06
CA HIS A 313 -18.79 19.55 15.69
C HIS A 313 -19.34 19.39 14.29
N ARG A 314 -19.74 20.50 13.67
CA ARG A 314 -20.15 20.53 12.27
C ARG A 314 -19.23 21.41 11.41
N CYS A 315 -17.99 21.55 11.89
CA CYS A 315 -16.98 22.41 11.31
C CYS A 315 -15.72 21.58 10.94
N VAL A 316 -15.30 20.73 11.85
CA VAL A 316 -14.00 20.04 11.74
C VAL A 316 -14.11 18.73 10.99
N ASN A 317 -13.12 18.40 10.18
CA ASN A 317 -13.08 17.07 9.60
C ASN A 317 -12.26 16.21 10.53
N VAL A 318 -12.77 15.04 10.84
CA VAL A 318 -12.10 14.10 11.72
C VAL A 318 -11.76 12.84 10.92
N ILE A 319 -10.49 12.36 11.01
CA ILE A 319 -10.12 11.06 10.44
C ILE A 319 -9.79 10.16 11.62
N PHE A 320 -10.41 8.97 11.63
CA PHE A 320 -10.17 7.98 12.66
C PHE A 320 -9.49 6.85 11.92
N VAL A 321 -8.22 6.59 12.27
CA VAL A 321 -7.45 5.73 11.39
C VAL A 321 -6.46 4.90 12.22
N GLY A 322 -6.20 3.67 11.81
CA GLY A 322 -5.23 2.88 12.54
C GLY A 322 -3.98 2.65 11.70
N ASP A 323 -2.98 2.09 12.34
CA ASP A 323 -1.75 1.78 11.62
C ASP A 323 -1.68 0.35 11.07
N HIS A 324 -2.30 -0.61 11.77
CA HIS A 324 -2.30 -2.00 11.32
C HIS A 324 -3.22 -2.73 12.27
N GLY A 325 -3.52 -3.98 11.96
CA GLY A 325 -4.28 -4.82 12.84
C GLY A 325 -3.52 -5.69 13.83
N MET A 326 -4.07 -6.85 14.12
CA MET A 326 -3.55 -7.72 15.16
C MET A 326 -4.00 -9.15 14.90
N GLU A 327 -3.05 -10.08 15.03
CA GLU A 327 -3.32 -11.52 14.77
C GLU A 327 -3.09 -12.32 16.05
N ASP A 328 -3.67 -13.54 16.10
CA ASP A 328 -3.39 -14.44 17.20
C ASP A 328 -2.01 -15.04 17.00
N VAL A 329 -1.08 -14.73 17.89
CA VAL A 329 0.28 -15.27 17.82
C VAL A 329 0.72 -15.60 19.27
N THR A 330 1.26 -16.79 19.49
CA THR A 330 1.69 -17.19 20.83
C THR A 330 3.07 -17.87 20.81
N CYS A 331 3.66 -18.04 22.00
CA CYS A 331 4.94 -18.69 22.17
C CYS A 331 4.99 -20.06 21.49
N ASP A 332 3.88 -20.80 21.55
CA ASP A 332 3.86 -22.17 21.02
C ASP A 332 4.03 -22.21 19.50
N ARG A 333 3.87 -21.07 18.83
CA ARG A 333 3.99 -21.07 17.37
C ARG A 333 5.25 -20.29 16.96
N THR A 334 6.39 -20.79 17.37
CA THR A 334 7.65 -20.17 17.00
C THR A 334 8.52 -21.14 16.23
N GLU A 335 8.92 -20.74 15.02
CA GLU A 335 10.01 -21.49 14.33
C GLU A 335 11.38 -21.00 14.81
N PHE A 336 12.37 -21.89 14.90
CA PHE A 336 13.73 -21.49 15.28
C PHE A 336 14.72 -21.75 14.18
N LEU A 337 15.48 -20.73 13.79
CA LEU A 337 16.48 -20.88 12.74
C LEU A 337 17.54 -21.93 13.10
N SER A 338 17.76 -22.12 14.39
CA SER A 338 18.74 -23.10 14.83
C SER A 338 18.33 -24.54 14.49
N ASN A 339 17.06 -24.74 14.16
CA ASN A 339 16.62 -26.01 13.63
C ASN A 339 17.01 -26.24 12.16
N TYR A 340 17.52 -25.20 11.51
CA TYR A 340 17.78 -25.28 10.07
C TYR A 340 19.24 -25.00 9.80
N LEU A 341 19.86 -24.23 10.69
CA LEU A 341 21.19 -23.68 10.40
C LEU A 341 22.10 -24.09 11.53
N THR A 342 23.36 -24.30 11.18
CA THR A 342 24.31 -24.89 12.10
C THR A 342 24.85 -23.88 13.10
N ASN A 343 24.99 -22.64 12.66
CA ASN A 343 25.66 -21.64 13.47
C ASN A 343 24.90 -20.32 13.61
N VAL A 344 23.78 -20.32 14.33
CA VAL A 344 22.96 -19.10 14.35
C VAL A 344 23.59 -17.99 15.17
N ASP A 345 24.62 -18.33 15.94
CA ASP A 345 25.26 -17.32 16.78
C ASP A 345 26.06 -16.31 15.97
N ASP A 346 26.31 -16.63 14.70
CA ASP A 346 26.99 -15.75 13.78
C ASP A 346 26.04 -14.82 12.98
N ILE A 347 24.74 -14.93 13.15
CA ILE A 347 23.85 -14.01 12.40
C ILE A 347 23.07 -13.19 13.38
N THR A 348 22.61 -12.04 12.90
CA THR A 348 21.66 -11.21 13.62
C THR A 348 20.34 -11.38 12.88
N LEU A 349 19.29 -11.66 13.63
CA LEU A 349 17.91 -11.78 13.06
C LEU A 349 17.01 -10.70 13.62
N VAL A 350 16.43 -9.87 12.73
CA VAL A 350 15.27 -9.06 13.13
C VAL A 350 14.12 -10.06 13.10
N PRO A 351 13.52 -10.37 14.29
CA PRO A 351 12.71 -11.58 14.34
C PRO A 351 11.22 -11.30 14.51
N GLY A 352 10.47 -12.38 14.65
CA GLY A 352 9.08 -12.31 15.07
C GLY A 352 8.15 -12.56 13.90
N THR A 353 7.33 -11.55 13.55
CA THR A 353 6.36 -11.75 12.46
C THR A 353 6.92 -11.46 11.04
N LEU A 354 8.23 -11.19 10.96
CA LEU A 354 8.95 -11.11 9.69
C LEU A 354 10.37 -11.51 10.07
N GLY A 355 11.22 -11.79 9.10
CA GLY A 355 12.62 -12.01 9.40
C GLY A 355 13.52 -11.19 8.46
N ARG A 356 14.57 -10.59 9.02
CA ARG A 356 15.60 -9.97 8.17
C ARG A 356 16.94 -10.46 8.77
N ILE A 357 17.81 -10.99 7.93
CA ILE A 357 19.05 -11.63 8.38
C ILE A 357 20.26 -10.88 7.80
N ARG A 358 21.27 -10.65 8.65
CA ARG A 358 22.57 -10.15 8.21
C ARG A 358 23.61 -10.82 9.15
N PRO A 359 24.88 -10.75 8.79
CA PRO A 359 25.83 -11.32 9.75
C PRO A 359 25.92 -10.50 11.05
N LYS A 360 26.23 -11.16 12.17
CA LYS A 360 26.32 -10.46 13.45
C LYS A 360 27.40 -9.40 13.38
N ILE A 361 28.50 -9.74 12.70
CA ILE A 361 29.59 -8.80 12.50
C ILE A 361 29.40 -8.16 11.14
N PRO A 362 29.19 -6.83 11.09
CA PRO A 362 28.84 -6.27 9.79
C PRO A 362 29.88 -6.58 8.75
N ASN A 363 29.43 -6.87 7.53
CA ASN A 363 30.31 -7.19 6.41
C ASN A 363 31.23 -8.40 6.63
N ASN A 364 30.84 -9.29 7.55
CA ASN A 364 31.64 -10.48 7.87
C ASN A 364 31.80 -11.30 6.59
N LEU A 365 33.05 -11.43 6.15
CA LEU A 365 33.28 -12.05 4.81
C LEU A 365 32.90 -13.52 4.76
N LYS A 366 32.77 -14.16 5.92
CA LYS A 366 32.41 -15.59 5.95
C LYS A 366 30.89 -15.81 5.84
N TYR A 367 30.13 -14.72 5.91
CA TYR A 367 28.69 -14.81 5.73
C TYR A 367 28.38 -15.46 4.39
N ASP A 368 27.58 -16.53 4.39
CA ASP A 368 27.26 -17.34 3.21
C ASP A 368 25.75 -17.38 2.90
N PRO A 369 25.21 -16.29 2.33
CA PRO A 369 23.74 -16.24 2.15
C PRO A 369 23.15 -17.32 1.23
N LYS A 370 23.84 -17.72 0.15
CA LYS A 370 23.27 -18.79 -0.69
C LYS A 370 23.12 -20.10 0.09
N ALA A 371 24.10 -20.41 0.95
CA ALA A 371 24.02 -21.60 1.80
C ALA A 371 22.91 -21.50 2.85
N ILE A 372 22.76 -20.32 3.44
CA ILE A 372 21.70 -20.11 4.40
C ILE A 372 20.35 -20.29 3.73
N ILE A 373 20.12 -19.60 2.61
CA ILE A 373 18.86 -19.74 1.90
C ILE A 373 18.61 -21.19 1.52
N ALA A 374 19.65 -21.92 1.05
CA ALA A 374 19.44 -23.34 0.72
C ALA A 374 18.90 -24.15 1.92
N ASN A 375 19.48 -23.94 3.10
CA ASN A 375 19.01 -24.65 4.31
C ASN A 375 17.65 -24.21 4.84
N LEU A 376 17.13 -23.10 4.31
CA LEU A 376 15.85 -22.55 4.76
C LEU A 376 14.76 -22.80 3.75
N THR A 377 15.09 -23.46 2.64
CA THR A 377 14.11 -23.62 1.58
C THR A 377 13.40 -24.97 1.64
N CYS A 378 12.11 -24.93 1.97
CA CYS A 378 11.23 -26.12 1.95
C CYS A 378 11.82 -27.31 2.68
N LYS A 379 12.30 -27.06 3.91
CA LYS A 379 12.98 -28.13 4.65
C LYS A 379 12.06 -28.86 5.63
N LYS A 380 10.93 -28.26 5.98
CA LYS A 380 9.91 -28.98 6.76
C LYS A 380 8.62 -28.92 5.99
N PRO A 381 7.81 -29.98 6.03
CA PRO A 381 6.58 -29.97 5.24
C PRO A 381 5.58 -28.91 5.72
N ASP A 382 5.63 -28.57 6.99
CA ASP A 382 4.66 -27.58 7.38
C ASP A 382 5.27 -26.19 7.56
N GLN A 383 6.46 -25.94 6.97
CA GLN A 383 7.29 -24.80 7.34
C GLN A 383 6.52 -23.46 7.37
N HIS A 384 6.66 -22.74 8.48
CA HIS A 384 5.82 -21.56 8.75
C HIS A 384 6.50 -20.25 8.42
N PHE A 385 7.46 -20.28 7.51
CA PHE A 385 8.02 -19.04 6.90
C PHE A 385 8.62 -19.45 5.57
N LYS A 386 8.97 -18.46 4.75
CA LYS A 386 9.61 -18.76 3.47
C LYS A 386 10.71 -17.75 3.23
N PRO A 387 11.93 -18.24 2.91
CA PRO A 387 12.98 -17.25 2.67
C PRO A 387 12.87 -16.64 1.28
N TYR A 388 13.29 -15.37 1.16
CA TYR A 388 13.36 -14.67 -0.11
C TYR A 388 14.58 -13.76 -0.14
N MET A 389 15.32 -13.75 -1.24
CA MET A 389 16.18 -12.61 -1.47
C MET A 389 15.20 -11.47 -1.73
N LYS A 390 15.52 -10.27 -1.28
CA LYS A 390 14.48 -9.22 -1.31
C LYS A 390 13.95 -8.91 -2.72
N GLN A 391 14.78 -9.05 -3.77
CA GLN A 391 14.30 -8.75 -5.11
C GLN A 391 13.25 -9.77 -5.55
N HIS A 392 13.14 -10.88 -4.83
CA HIS A 392 12.15 -11.89 -5.19
C HIS A 392 10.84 -11.76 -4.43
N LEU A 393 10.79 -10.84 -3.47
CA LEU A 393 9.51 -10.66 -2.73
C LEU A 393 8.48 -10.16 -3.71
N PRO A 394 7.18 -10.50 -3.52
CA PRO A 394 6.07 -10.00 -4.33
C PRO A 394 6.23 -8.50 -4.57
N LYS A 395 6.09 -8.05 -5.81
CA LYS A 395 6.32 -6.67 -6.13
C LYS A 395 5.32 -5.76 -5.43
N ARG A 396 4.12 -6.27 -5.13
CA ARG A 396 3.11 -5.47 -4.44
C ARG A 396 3.56 -4.97 -3.03
N LEU A 397 4.55 -5.63 -2.43
CA LEU A 397 5.06 -5.24 -1.10
C LEU A 397 5.95 -4.02 -1.20
N HIS A 398 6.49 -3.77 -2.39
CA HIS A 398 7.39 -2.61 -2.62
C HIS A 398 8.46 -2.54 -1.56
N TYR A 399 9.07 -3.69 -1.26
CA TYR A 399 9.99 -3.74 -0.11
C TYR A 399 11.41 -4.23 -0.47
N ALA A 400 12.16 -3.42 -1.21
CA ALA A 400 13.47 -3.87 -1.61
C ALA A 400 14.45 -2.72 -1.80
N ASN A 401 13.94 -1.57 -2.30
CA ASN A 401 14.85 -0.51 -2.73
C ASN A 401 15.32 0.42 -1.60
N ASN A 402 16.00 -0.15 -0.62
CA ASN A 402 16.58 0.63 0.43
C ASN A 402 17.74 -0.15 1.07
N ARG A 403 18.84 0.53 1.33
CA ARG A 403 20.00 -0.12 1.95
C ARG A 403 19.79 -0.70 3.34
N ARG A 404 18.72 -0.24 4.03
CA ARG A 404 18.40 -0.72 5.35
C ARG A 404 17.64 -2.03 5.28
N ILE A 405 17.19 -2.43 4.09
CA ILE A 405 16.50 -3.73 3.97
C ILE A 405 17.52 -4.80 3.64
N GLU A 406 17.71 -5.72 4.59
CA GLU A 406 18.65 -6.84 4.35
C GLU A 406 18.29 -7.63 3.09
N ASP A 407 19.33 -8.11 2.39
CA ASP A 407 19.12 -8.92 1.20
C ASP A 407 18.27 -10.14 1.51
N LEU A 408 18.49 -10.78 2.67
CA LEU A 408 17.76 -12.02 3.00
C LEU A 408 16.58 -11.69 3.88
N HIS A 409 15.37 -12.12 3.43
CA HIS A 409 14.14 -11.79 4.14
C HIS A 409 13.42 -13.10 4.39
N LEU A 410 12.68 -13.16 5.49
CA LEU A 410 11.77 -14.28 5.69
C LEU A 410 10.35 -13.74 5.74
N LEU A 411 9.48 -14.22 4.86
CA LEU A 411 8.10 -13.87 4.97
C LEU A 411 7.46 -14.94 5.87
N VAL A 412 6.84 -14.52 6.97
CA VAL A 412 6.38 -15.47 8.00
C VAL A 412 4.88 -15.76 7.88
N GLU A 413 4.49 -17.01 8.08
CA GLU A 413 3.09 -17.35 7.96
C GLU A 413 2.27 -16.65 9.06
N ARG A 414 1.07 -16.14 8.74
CA ARG A 414 0.19 -15.60 9.80
C ARG A 414 0.03 -16.58 10.99
N ARG A 415 0.01 -16.02 12.19
CA ARG A 415 -0.15 -16.69 13.50
C ARG A 415 1.17 -17.25 14.02
N TRP A 416 2.28 -17.09 13.25
CA TRP A 416 3.61 -17.60 13.66
C TRP A 416 4.66 -16.56 13.93
N HIS A 417 5.70 -16.98 14.68
CA HIS A 417 6.91 -16.22 14.86
C HIS A 417 8.11 -17.01 14.29
N VAL A 418 9.14 -16.29 13.88
CA VAL A 418 10.42 -16.91 13.62
C VAL A 418 11.47 -16.28 14.58
N ALA A 419 12.30 -17.12 15.18
CA ALA A 419 13.25 -16.64 16.19
C ALA A 419 14.54 -17.32 15.86
N ARG A 420 15.66 -16.78 16.36
CA ARG A 420 16.98 -17.34 16.04
C ARG A 420 17.21 -18.72 16.71
N LYS A 421 16.91 -18.81 18.01
CA LYS A 421 17.10 -20.05 18.74
C LYS A 421 16.27 -20.07 20.04
N PRO A 422 16.05 -21.28 20.59
CA PRO A 422 15.28 -21.32 21.84
C PRO A 422 16.05 -20.68 22.98
N CYS A 433 3.39 -17.96 28.73
CA CYS A 433 3.71 -17.01 27.65
C CYS A 433 3.01 -15.68 27.88
N PHE A 434 3.76 -14.60 27.76
CA PHE A 434 3.24 -13.28 28.10
C PHE A 434 2.44 -12.57 27.01
N PHE A 435 2.34 -13.19 25.84
CA PHE A 435 1.63 -12.57 24.72
C PHE A 435 0.75 -13.56 23.95
N GLN A 436 -0.32 -13.01 23.40
CA GLN A 436 -1.25 -13.76 22.58
C GLN A 436 -1.57 -13.10 21.23
N GLY A 437 -1.07 -11.89 21.03
CA GLY A 437 -1.25 -11.22 19.75
C GLY A 437 0.01 -10.62 19.18
N ASP A 438 0.11 -10.54 17.86
CA ASP A 438 1.20 -9.77 17.24
C ASP A 438 0.82 -9.40 15.82
N HIS A 439 1.65 -8.56 15.19
CA HIS A 439 1.38 -8.08 13.86
C HIS A 439 2.73 -7.83 13.20
N GLY A 440 2.73 -7.56 11.90
CA GLY A 440 3.98 -7.42 11.14
C GLY A 440 3.96 -8.19 9.81
N PHE A 441 3.05 -9.14 9.69
CA PHE A 441 2.90 -10.01 8.53
C PHE A 441 2.55 -9.25 7.24
N ASP A 442 2.73 -9.96 6.14
CA ASP A 442 2.32 -9.55 4.79
C ASP A 442 1.04 -8.69 4.86
N ASN A 443 1.09 -7.52 4.24
CA ASN A 443 -0.06 -6.61 4.39
C ASN A 443 -1.36 -6.99 3.69
N LYS A 444 -1.39 -8.10 2.98
CA LYS A 444 -2.70 -8.49 2.45
C LYS A 444 -3.41 -9.47 3.40
N VAL A 445 -2.72 -9.90 4.45
CA VAL A 445 -3.33 -10.80 5.46
C VAL A 445 -4.52 -10.12 6.17
N ASN A 446 -5.65 -10.81 6.24
CA ASN A 446 -6.86 -10.21 6.80
C ASN A 446 -6.73 -9.61 8.19
N SER A 447 -6.08 -10.32 9.10
CA SER A 447 -5.95 -9.86 10.46
C SER A 447 -5.08 -8.57 10.52
N MET A 448 -4.26 -8.31 9.49
CA MET A 448 -3.48 -7.03 9.47
C MET A 448 -4.21 -5.77 9.00
N GLN A 449 -5.42 -5.92 8.46
CA GLN A 449 -6.15 -4.75 7.96
C GLN A 449 -6.55 -3.87 9.12
N THR A 450 -6.66 -2.59 8.85
CA THR A 450 -6.97 -1.66 9.94
C THR A 450 -8.15 -0.74 9.52
N VAL A 451 -8.40 0.33 10.26
CA VAL A 451 -9.65 1.10 10.15
C VAL A 451 -9.46 2.45 9.44
N PHE A 452 -10.46 2.88 8.69
CA PHE A 452 -10.55 4.27 8.25
C PHE A 452 -12.02 4.76 8.33
N VAL A 453 -12.22 5.88 9.02
CA VAL A 453 -13.45 6.64 8.96
C VAL A 453 -13.14 8.11 8.79
N GLY A 454 -13.89 8.80 7.91
CA GLY A 454 -13.76 10.26 7.80
C GLY A 454 -15.15 10.84 8.08
N TYR A 455 -15.18 11.88 8.91
CA TYR A 455 -16.46 12.49 9.30
C TYR A 455 -16.30 13.98 9.29
N GLY A 456 -17.22 14.68 8.61
CA GLY A 456 -17.17 16.13 8.65
C GLY A 456 -17.64 16.68 7.34
N PRO A 457 -17.59 18.01 7.20
CA PRO A 457 -18.19 18.65 6.03
C PRO A 457 -17.58 18.25 4.69
N THR A 458 -16.31 17.88 4.69
CA THR A 458 -15.69 17.56 3.41
C THR A 458 -15.87 16.11 2.96
N PHE A 459 -16.20 15.26 3.91
CA PHE A 459 -16.50 13.85 3.64
C PHE A 459 -17.95 13.65 3.23
N LYS A 460 -18.23 12.55 2.58
CA LYS A 460 -19.62 12.25 2.25
C LYS A 460 -20.39 11.83 3.49
N TYR A 461 -21.72 11.93 3.39
CA TYR A 461 -22.60 11.53 4.47
C TYR A 461 -23.07 10.07 4.25
N ARG A 462 -23.05 9.26 5.30
CA ARG A 462 -23.47 7.86 5.29
C ARG A 462 -23.07 7.13 4.00
N THR A 463 -21.77 7.10 3.74
CA THR A 463 -21.26 6.51 2.54
C THR A 463 -20.21 5.44 2.88
N LYS A 464 -20.35 4.26 2.29
CA LYS A 464 -19.32 3.24 2.36
C LYS A 464 -18.46 3.32 1.10
N VAL A 465 -17.15 3.16 1.26
CA VAL A 465 -16.24 3.18 0.09
C VAL A 465 -15.43 1.88 0.08
N PRO A 466 -14.90 1.48 -1.08
CA PRO A 466 -14.12 0.24 -1.05
C PRO A 466 -12.85 0.38 -0.19
N PRO A 467 -12.31 -0.76 0.29
CA PRO A 467 -11.01 -0.69 0.98
C PRO A 467 -9.95 -0.03 0.07
N PHE A 468 -9.02 0.64 0.70
CA PHE A 468 -7.98 1.34 -0.08
C PHE A 468 -6.70 1.26 0.79
N GLU A 469 -5.59 1.67 0.18
CA GLU A 469 -4.29 1.57 0.85
C GLU A 469 -3.89 2.85 1.58
N ASN A 470 -3.17 2.69 2.69
CA ASN A 470 -2.86 3.86 3.50
C ASN A 470 -1.93 4.88 2.81
N ILE A 471 -1.20 4.42 1.77
CA ILE A 471 -0.32 5.34 1.01
C ILE A 471 -1.18 6.42 0.32
N GLU A 472 -2.49 6.18 0.16
CA GLU A 472 -3.36 7.13 -0.51
C GLU A 472 -3.84 8.28 0.37
N LEU A 473 -3.71 8.12 1.69
CA LEU A 473 -4.29 9.13 2.60
C LEU A 473 -3.59 10.51 2.63
N TYR A 474 -2.26 10.53 2.51
CA TYR A 474 -1.55 11.80 2.46
C TYR A 474 -2.13 12.76 1.40
N ASN A 475 -2.38 12.29 0.19
CA ASN A 475 -2.93 13.19 -0.85
C ASN A 475 -4.28 13.78 -0.39
N VAL A 476 -5.12 12.93 0.18
CA VAL A 476 -6.46 13.29 0.66
C VAL A 476 -6.35 14.32 1.79
N MET A 477 -5.42 14.12 2.71
CA MET A 477 -5.25 15.09 3.79
C MET A 477 -4.76 16.43 3.23
N CYS A 478 -3.85 16.38 2.26
CA CYS A 478 -3.46 17.60 1.57
C CYS A 478 -4.67 18.28 0.93
N ASP A 479 -5.51 17.52 0.22
CA ASP A 479 -6.77 18.05 -0.37
C ASP A 479 -7.67 18.71 0.70
N LEU A 480 -7.80 18.06 1.86
CA LEU A 480 -8.62 18.58 2.96
C LEU A 480 -8.07 19.87 3.52
N LEU A 481 -6.78 20.08 3.35
CA LEU A 481 -6.15 21.29 3.90
C LEU A 481 -5.74 22.30 2.86
N GLY A 482 -6.06 22.03 1.60
CA GLY A 482 -5.73 22.91 0.48
C GLY A 482 -4.25 22.92 0.16
N LEU A 483 -3.54 21.85 0.45
CA LEU A 483 -2.08 21.77 0.21
C LEU A 483 -1.76 21.02 -1.08
N LYS A 484 -0.59 21.33 -1.66
CA LYS A 484 -0.07 20.60 -2.81
C LYS A 484 0.83 19.50 -2.24
N PRO A 485 0.49 18.24 -2.53
CA PRO A 485 1.29 17.17 -1.91
C PRO A 485 2.68 17.11 -2.49
N ALA A 486 3.66 16.78 -1.66
CA ALA A 486 5.00 16.40 -2.13
C ALA A 486 4.88 15.08 -2.91
N PRO A 487 5.86 14.79 -3.79
CA PRO A 487 5.85 13.58 -4.63
C PRO A 487 5.70 12.34 -3.74
N ASN A 488 4.70 11.54 -4.03
CA ASN A 488 4.49 10.38 -3.13
C ASN A 488 3.91 9.23 -3.89
N ASN A 489 3.56 8.14 -3.19
CA ASN A 489 3.14 6.92 -3.89
C ASN A 489 1.65 6.69 -4.06
N GLY A 490 0.83 7.57 -3.45
CA GLY A 490 -0.59 7.58 -3.70
C GLY A 490 -0.81 7.90 -5.19
N THR A 491 -2.04 7.70 -5.64
CA THR A 491 -2.43 7.99 -7.03
C THR A 491 -3.55 9.05 -6.86
N HIS A 492 -3.20 10.32 -7.05
CA HIS A 492 -4.00 11.44 -6.63
C HIS A 492 -5.27 11.50 -7.46
N GLY A 493 -6.41 11.36 -6.81
CA GLY A 493 -7.67 11.30 -7.52
C GLY A 493 -8.37 9.96 -7.29
N SER A 494 -7.59 8.92 -6.94
CA SER A 494 -8.16 7.59 -6.74
C SER A 494 -9.10 7.54 -5.56
N LEU A 495 -9.01 8.53 -4.67
CA LEU A 495 -9.90 8.61 -3.50
C LEU A 495 -10.86 9.80 -3.56
N ASN A 496 -11.04 10.34 -4.75
CA ASN A 496 -12.00 11.46 -4.84
C ASN A 496 -13.40 11.09 -4.37
N HIS A 497 -13.75 9.81 -4.52
CA HIS A 497 -15.09 9.36 -4.14
C HIS A 497 -15.34 9.37 -2.64
N LEU A 498 -14.32 9.67 -1.84
CA LEU A 498 -14.53 9.79 -0.40
C LEU A 498 -15.06 11.18 -0.05
N LEU A 499 -14.97 12.14 -0.98
CA LEU A 499 -15.15 13.55 -0.64
C LEU A 499 -16.40 14.18 -1.29
N ARG A 500 -17.06 15.07 -0.52
CA ARG A 500 -18.19 15.90 -0.98
C ARG A 500 -17.66 17.00 -1.91
N THR A 501 -16.56 17.64 -1.51
CA THR A 501 -15.88 18.70 -2.29
C THR A 501 -14.38 18.61 -2.04
N ASN A 502 -13.62 19.56 -2.57
CA ASN A 502 -12.14 19.58 -2.45
C ASN A 502 -11.50 18.43 -3.19
N THR A 503 -12.24 17.85 -4.13
CA THR A 503 -11.69 16.77 -4.93
C THR A 503 -10.50 17.28 -5.74
N PHE A 504 -9.66 16.36 -6.17
CA PHE A 504 -8.56 16.70 -7.04
C PHE A 504 -8.87 16.35 -8.49
N ARG A 505 -8.86 17.33 -9.40
CA ARG A 505 -9.06 17.00 -10.81
C ARG A 505 -7.80 16.42 -11.43
N PRO A 506 -7.83 15.13 -11.78
CA PRO A 506 -6.60 14.54 -12.31
C PRO A 506 -6.52 14.82 -13.79
N THR A 507 -5.30 14.75 -14.34
CA THR A 507 -5.14 14.93 -15.77
C THR A 507 -4.38 13.76 -16.33
N LEU A 508 -4.89 13.24 -17.44
CA LEU A 508 -4.30 12.11 -18.14
C LEU A 508 -2.85 12.41 -18.56
N PRO A 509 -1.93 11.48 -18.25
CA PRO A 509 -0.54 11.79 -18.63
C PRO A 509 -0.41 11.82 -20.15
N GLU A 510 0.54 12.57 -20.68
CA GLU A 510 0.71 12.71 -22.11
C GLU A 510 1.46 11.57 -22.70
N GLU A 511 0.94 11.02 -23.79
CA GLU A 511 1.67 10.00 -24.55
C GLU A 511 2.96 10.59 -25.07
N VAL A 512 4.07 9.89 -24.87
CA VAL A 512 5.39 10.37 -25.28
C VAL A 512 5.81 9.80 -26.63
N SER A 513 5.55 8.52 -26.86
CA SER A 513 5.90 7.86 -28.11
C SER A 513 4.66 7.38 -28.83
N ARG A 514 4.48 7.87 -30.05
CA ARG A 514 3.40 7.43 -30.92
C ARG A 514 3.84 6.17 -31.67
N PRO A 515 2.88 5.30 -31.97
CA PRO A 515 3.23 4.02 -32.59
C PRO A 515 3.41 4.14 -34.11
N ASN A 516 4.06 3.14 -34.68
CA ASN A 516 4.15 2.98 -36.12
C ASN A 516 3.16 1.91 -36.45
N TYR A 517 2.64 1.92 -37.69
CA TYR A 517 1.74 0.87 -38.13
C TYR A 517 2.33 0.23 -39.39
N PRO A 518 3.41 -0.56 -39.22
CA PRO A 518 4.05 -1.19 -40.38
C PRO A 518 3.11 -2.09 -41.17
N GLY A 519 3.15 -1.94 -42.50
CA GLY A 519 2.54 -2.91 -43.39
C GLY A 519 3.55 -4.02 -43.71
N ILE A 520 3.37 -4.68 -44.85
CA ILE A 520 4.36 -5.62 -45.33
C ILE A 520 5.50 -4.81 -45.95
N MET A 521 6.72 -5.06 -45.50
CA MET A 521 7.88 -4.30 -45.94
C MET A 521 9.03 -5.26 -46.21
N TYR A 522 8.81 -6.54 -45.95
CA TYR A 522 9.87 -7.52 -46.05
C TYR A 522 9.40 -8.80 -46.67
N LEU A 523 10.36 -9.59 -47.17
CA LEU A 523 10.07 -10.90 -47.74
C LEU A 523 10.61 -11.98 -46.80
N GLN A 524 9.94 -13.14 -46.75
CA GLN A 524 10.45 -14.27 -45.96
C GLN A 524 11.93 -14.49 -46.29
N SER A 525 12.26 -14.23 -47.55
CA SER A 525 13.63 -14.32 -48.06
C SER A 525 14.63 -13.43 -47.31
N ASP A 526 14.15 -12.32 -46.73
CA ASP A 526 15.03 -11.34 -46.07
C ASP A 526 15.52 -11.82 -44.69
N PHE A 527 14.95 -12.92 -44.22
CA PHE A 527 15.16 -13.35 -42.84
C PHE A 527 16.10 -14.53 -42.70
N ASP A 528 17.13 -14.36 -41.88
CA ASP A 528 18.01 -15.45 -41.50
C ASP A 528 18.05 -15.54 -39.96
N LEU A 529 16.98 -16.08 -39.38
CA LEU A 529 16.81 -16.10 -37.92
C LEU A 529 17.04 -17.49 -37.28
N GLY A 530 16.98 -18.54 -38.09
CA GLY A 530 17.19 -19.88 -37.59
C GLY A 530 15.86 -20.51 -37.25
N CYS A 531 14.80 -19.80 -37.58
CA CYS A 531 13.47 -20.28 -37.24
C CYS A 531 13.00 -21.23 -38.32
N THR A 532 12.16 -22.19 -37.93
CA THR A 532 11.52 -23.05 -38.90
C THR A 532 10.09 -23.27 -38.48
N CYS A 533 9.22 -23.39 -39.48
CA CYS A 533 7.83 -23.78 -39.26
C CYS A 533 7.28 -24.48 -40.48
N ASP A 534 6.50 -25.54 -40.24
CA ASP A 534 5.78 -26.25 -41.29
C ASP A 534 4.47 -25.52 -41.60
N ASP A 535 4.59 -24.34 -42.24
CA ASP A 535 3.46 -23.47 -42.58
C ASP A 535 3.29 -23.30 -44.09
N LEU A 539 -2.03 -21.38 -49.79
CA LEU A 539 -2.07 -20.50 -50.96
C LEU A 539 -1.23 -19.28 -50.70
N GLU A 540 -0.29 -19.02 -51.59
CA GLU A 540 0.61 -17.89 -51.41
C GLU A 540 -0.26 -16.65 -51.32
N GLU A 541 -1.19 -16.57 -52.27
CA GLU A 541 -2.05 -15.42 -52.33
C GLU A 541 -2.80 -15.19 -51.02
N HIS A 547 -3.97 -8.61 -42.51
CA HIS A 547 -3.70 -8.23 -41.12
C HIS A 547 -3.99 -6.75 -40.86
N THR A 548 -5.01 -6.23 -41.55
CA THR A 548 -5.35 -4.82 -41.44
C THR A 548 -6.03 -4.58 -40.10
N LYS A 549 -6.06 -3.32 -39.69
CA LYS A 549 -6.71 -2.95 -38.44
C LYS A 549 -8.09 -3.56 -38.34
N GLY A 550 -8.98 -3.13 -39.25
CA GLY A 550 -10.34 -3.65 -39.29
C GLY A 550 -11.00 -3.53 -37.93
N SER A 551 -11.59 -4.60 -37.46
CA SER A 551 -12.29 -4.57 -36.17
C SER A 551 -11.48 -5.21 -35.04
N THR A 552 -10.16 -5.36 -35.25
CA THR A 552 -9.28 -5.98 -34.27
C THR A 552 -9.33 -5.20 -32.97
N GLU A 553 -9.15 -3.89 -33.11
CA GLU A 553 -9.10 -2.97 -31.97
C GLU A 553 -10.40 -3.00 -31.16
N GLU A 554 -11.53 -2.90 -31.84
CA GLU A 554 -12.82 -2.89 -31.19
C GLU A 554 -13.10 -4.19 -30.41
N ARG A 555 -12.54 -5.31 -30.87
CA ARG A 555 -12.77 -6.60 -30.21
C ARG A 555 -11.69 -6.94 -29.16
N HIS A 556 -10.42 -6.72 -29.49
CA HIS A 556 -9.33 -7.14 -28.61
C HIS A 556 -8.65 -6.03 -27.80
N LEU A 557 -8.90 -4.77 -28.16
CA LEU A 557 -8.37 -3.64 -27.41
C LEU A 557 -9.53 -2.79 -26.86
N LEU A 558 -10.14 -3.24 -25.76
CA LEU A 558 -11.42 -2.71 -25.31
C LEU A 558 -11.38 -1.35 -24.64
N TYR A 559 -10.21 -0.94 -24.16
CA TYR A 559 -10.11 0.28 -23.37
C TYR A 559 -9.10 1.25 -23.95
N GLY A 560 -8.82 1.13 -25.25
CA GLY A 560 -7.83 1.98 -25.90
C GLY A 560 -6.43 1.38 -25.85
N ARG A 561 -5.53 1.85 -26.73
CA ARG A 561 -4.15 1.43 -26.66
C ARG A 561 -3.52 2.05 -25.41
N PRO A 562 -2.75 1.24 -24.62
CA PRO A 562 -1.96 1.87 -23.55
C PRO A 562 -1.10 2.94 -24.15
N ALA A 563 -0.93 4.06 -23.46
CA ALA A 563 -0.01 5.08 -23.94
C ALA A 563 1.37 4.76 -23.45
N VAL A 564 2.36 5.04 -24.27
CA VAL A 564 3.75 4.79 -23.90
C VAL A 564 4.31 6.06 -23.40
N LEU A 565 4.71 6.08 -22.12
CA LEU A 565 5.07 7.33 -21.47
C LEU A 565 6.56 7.63 -21.43
N TYR A 566 7.34 7.01 -22.32
CA TYR A 566 8.78 7.23 -22.37
C TYR A 566 9.21 7.25 -23.84
N ARG A 567 10.43 7.66 -24.14
CA ARG A 567 10.84 7.80 -25.55
C ARG A 567 11.30 6.45 -26.08
N THR A 568 10.66 5.95 -27.12
CA THR A 568 11.02 4.61 -27.60
C THR A 568 10.40 4.43 -28.99
N SER A 569 10.63 3.28 -29.59
CA SER A 569 10.14 3.00 -30.92
C SER A 569 9.44 1.68 -30.97
N TYR A 570 8.16 1.72 -31.36
CA TYR A 570 7.32 0.52 -31.36
C TYR A 570 6.23 0.54 -32.43
N ASP A 571 5.73 -0.66 -32.73
CA ASP A 571 4.79 -0.90 -33.82
C ASP A 571 3.50 -1.51 -33.28
N ILE A 572 2.35 -1.01 -33.72
CA ILE A 572 1.13 -1.73 -33.52
C ILE A 572 1.04 -2.86 -34.52
N LEU A 573 0.75 -4.06 -34.04
CA LEU A 573 0.61 -5.22 -34.90
C LEU A 573 -0.75 -5.79 -34.68
N TYR A 574 -1.52 -5.98 -35.76
CA TYR A 574 -2.88 -6.52 -35.64
C TYR A 574 -2.96 -7.98 -36.00
N HIS A 575 -3.90 -8.69 -35.38
CA HIS A 575 -4.10 -10.08 -35.74
C HIS A 575 -5.54 -10.42 -35.53
N THR A 576 -5.96 -11.56 -36.08
CA THR A 576 -7.33 -11.98 -35.85
C THR A 576 -7.65 -12.05 -34.36
N ASP A 577 -6.73 -12.65 -33.58
CA ASP A 577 -7.04 -13.01 -32.20
C ASP A 577 -6.43 -12.07 -31.13
N PHE A 578 -5.55 -11.19 -31.57
CA PHE A 578 -4.85 -10.28 -30.66
C PHE A 578 -4.19 -9.10 -31.35
N GLU A 579 -3.92 -8.09 -30.55
CA GLU A 579 -3.15 -6.94 -30.99
C GLU A 579 -1.97 -6.74 -30.06
N SER A 580 -0.87 -6.17 -30.53
CA SER A 580 0.28 -5.99 -29.68
C SER A 580 0.94 -4.68 -30.01
N GLY A 581 1.70 -4.12 -29.07
CA GLY A 581 2.58 -2.98 -29.32
C GLY A 581 3.99 -3.52 -29.23
N TYR A 582 4.58 -3.77 -30.40
CA TYR A 582 5.86 -4.47 -30.48
C TYR A 582 7.01 -3.48 -30.42
N SER A 583 7.90 -3.65 -29.44
CA SER A 583 9.00 -2.72 -29.28
C SER A 583 10.14 -3.13 -30.21
N GLU A 584 10.65 -2.15 -30.97
CA GLU A 584 11.77 -2.38 -31.88
C GLU A 584 13.09 -2.31 -31.13
N ILE A 585 13.01 -1.86 -29.88
CA ILE A 585 14.20 -1.67 -29.04
C ILE A 585 14.39 -2.90 -28.15
N PHE A 586 13.30 -3.39 -27.55
CA PHE A 586 13.44 -4.54 -26.65
C PHE A 586 13.17 -5.84 -27.34
N LEU A 587 12.83 -5.75 -28.63
CA LEU A 587 12.64 -6.93 -29.50
C LEU A 587 11.55 -7.87 -29.07
N MET A 588 10.48 -7.31 -28.50
CA MET A 588 9.36 -8.08 -28.03
C MET A 588 8.20 -7.11 -27.71
N PRO A 589 6.97 -7.61 -27.62
CA PRO A 589 5.87 -6.71 -27.26
C PRO A 589 5.99 -6.10 -25.87
N LEU A 590 5.62 -4.83 -25.78
CA LEU A 590 5.51 -4.11 -24.52
C LEU A 590 4.21 -4.52 -23.86
N TRP A 591 3.24 -4.82 -24.73
CA TRP A 591 1.93 -5.27 -24.33
C TRP A 591 1.29 -6.08 -25.48
N THR A 592 0.42 -7.01 -25.10
CA THR A 592 -0.29 -7.91 -26.00
C THR A 592 -1.69 -7.98 -25.46
N SER A 593 -2.68 -7.59 -26.25
CA SER A 593 -4.05 -7.47 -25.76
C SER A 593 -5.01 -8.39 -26.51
N TYR A 594 -5.89 -9.04 -25.78
CA TYR A 594 -6.83 -9.95 -26.42
C TYR A 594 -8.02 -10.21 -25.57
N THR A 595 -9.14 -10.56 -26.21
CA THR A 595 -10.37 -10.83 -25.49
C THR A 595 -10.82 -12.27 -25.73
N ILE A 596 -11.13 -12.94 -24.62
CA ILE A 596 -11.60 -14.33 -24.60
C ILE A 596 -13.06 -14.38 -24.15
N SER A 597 -13.93 -14.87 -25.04
CA SER A 597 -15.34 -15.01 -24.68
C SER A 597 -15.62 -16.17 -23.69
N LYS A 598 -16.75 -16.06 -22.97
CA LYS A 598 -17.18 -17.08 -22.03
C LYS A 598 -17.23 -18.49 -22.64
N GLN A 599 -17.56 -18.54 -23.93
CA GLN A 599 -17.78 -19.79 -24.65
C GLN A 599 -16.54 -20.28 -25.44
N ALA A 600 -15.44 -19.55 -25.33
CA ALA A 600 -14.28 -19.79 -26.20
C ALA A 600 -13.71 -21.20 -26.07
N GLU A 601 -13.05 -21.63 -27.14
CA GLU A 601 -12.52 -22.97 -27.25
C GLU A 601 -11.02 -22.98 -27.02
N VAL A 602 -10.56 -23.92 -26.18
CA VAL A 602 -9.16 -24.19 -25.98
C VAL A 602 -8.77 -25.34 -26.93
N SER A 603 -7.66 -25.19 -27.65
CA SER A 603 -7.19 -26.22 -28.57
C SER A 603 -5.70 -26.49 -28.41
N SER A 604 -5.25 -27.66 -28.86
CA SER A 604 -3.85 -28.06 -28.65
C SER A 604 -2.93 -27.34 -29.60
N ILE A 605 -1.63 -27.53 -29.42
CA ILE A 605 -0.66 -27.17 -30.44
C ILE A 605 -0.38 -28.49 -31.17
N PRO A 606 -0.69 -28.52 -32.48
CA PRO A 606 -0.51 -29.72 -33.32
C PRO A 606 0.96 -30.12 -33.30
N GLU A 607 1.24 -31.43 -33.34
CA GLU A 607 2.62 -31.93 -33.24
C GLU A 607 3.60 -31.26 -34.22
N HIS A 608 3.14 -30.92 -35.42
CA HIS A 608 4.06 -30.40 -36.44
C HIS A 608 4.34 -28.93 -36.23
N LEU A 609 3.73 -28.36 -35.20
CA LEU A 609 3.87 -26.93 -34.92
C LEU A 609 4.57 -26.71 -33.59
N THR A 610 4.93 -27.80 -32.92
CA THR A 610 5.58 -27.73 -31.61
C THR A 610 6.72 -26.74 -31.58
N ASN A 611 7.62 -26.84 -32.54
CA ASN A 611 8.76 -25.93 -32.60
C ASN A 611 8.62 -24.81 -33.63
N CYS A 612 7.40 -24.54 -34.06
CA CYS A 612 7.16 -23.53 -35.08
C CYS A 612 7.43 -22.10 -34.61
N VAL A 613 8.37 -21.41 -35.25
CA VAL A 613 8.48 -19.96 -35.11
C VAL A 613 8.51 -19.28 -36.48
N ARG A 614 7.65 -18.27 -36.68
CA ARG A 614 7.52 -17.65 -38.02
C ARG A 614 8.06 -16.22 -38.08
N PRO A 615 8.88 -15.91 -39.10
CA PRO A 615 9.31 -14.52 -39.31
C PRO A 615 8.10 -13.65 -39.50
N ASP A 616 8.20 -12.38 -39.11
CA ASP A 616 7.07 -11.47 -39.23
C ASP A 616 7.44 -10.45 -40.29
N VAL A 617 6.78 -10.50 -41.45
CA VAL A 617 7.18 -9.63 -42.55
C VAL A 617 6.90 -8.15 -42.32
N ARG A 618 6.22 -7.80 -41.23
CA ARG A 618 5.98 -6.38 -40.92
C ARG A 618 7.16 -5.71 -40.21
N VAL A 619 8.03 -6.54 -39.64
CA VAL A 619 9.11 -6.04 -38.80
C VAL A 619 10.42 -6.52 -39.35
N SER A 620 11.38 -5.61 -39.37
CA SER A 620 12.73 -5.81 -39.92
C SER A 620 13.40 -7.01 -39.30
N PRO A 621 14.23 -7.72 -40.07
CA PRO A 621 14.96 -8.82 -39.44
C PRO A 621 15.88 -8.32 -38.34
N GLY A 622 16.36 -7.09 -38.49
CA GLY A 622 17.22 -6.47 -37.48
C GLY A 622 16.53 -6.04 -36.18
N PHE A 623 15.20 -6.03 -36.18
CA PHE A 623 14.41 -5.68 -34.99
C PHE A 623 13.66 -6.90 -34.52
N SER A 624 14.16 -8.05 -34.90
CA SER A 624 13.51 -9.30 -34.55
C SER A 624 14.46 -10.14 -33.70
N GLN A 625 13.89 -11.00 -32.86
CA GLN A 625 14.68 -12.00 -32.14
C GLN A 625 15.13 -13.05 -33.16
N ASN A 626 15.87 -14.04 -32.70
CA ASN A 626 16.18 -15.15 -33.59
C ASN A 626 16.17 -16.44 -32.82
N CYS A 627 15.76 -17.51 -33.49
CA CYS A 627 15.58 -18.77 -32.83
C CYS A 627 16.90 -19.46 -32.52
N LEU A 628 17.98 -18.99 -33.14
CA LEU A 628 19.27 -19.64 -32.92
C LEU A 628 19.80 -19.41 -31.49
N ALA A 629 19.66 -18.18 -31.01
CA ALA A 629 19.98 -17.82 -29.62
C ALA A 629 19.34 -18.79 -28.63
N TYR A 630 18.07 -19.11 -28.88
CA TYR A 630 17.35 -20.07 -28.05
C TYR A 630 17.93 -21.46 -28.19
N LYS A 631 18.23 -21.87 -29.42
CA LYS A 631 18.91 -23.14 -29.63
C LYS A 631 20.20 -23.22 -28.82
N ASN A 632 21.02 -22.17 -28.86
CA ASN A 632 22.31 -22.14 -28.19
C ASN A 632 22.21 -22.04 -26.67
N ASP A 633 21.24 -21.28 -26.18
CA ASP A 633 21.09 -21.08 -24.71
C ASP A 633 20.55 -22.34 -24.04
N LYS A 634 21.42 -23.09 -23.36
CA LYS A 634 20.97 -24.38 -22.80
C LYS A 634 19.99 -24.22 -21.63
N GLN A 635 19.89 -23.02 -21.09
CA GLN A 635 19.04 -22.79 -19.90
C GLN A 635 17.76 -22.01 -20.23
N MET A 636 17.80 -21.22 -21.29
CA MET A 636 16.67 -20.36 -21.64
C MET A 636 15.83 -20.99 -22.76
N SER A 637 14.52 -21.02 -22.56
CA SER A 637 13.58 -21.38 -23.63
C SER A 637 12.73 -20.15 -24.03
N TYR A 638 11.57 -20.39 -24.63
CA TYR A 638 10.74 -19.28 -25.04
C TYR A 638 9.29 -19.59 -24.83
N GLY A 639 8.52 -18.51 -24.68
CA GLY A 639 7.10 -18.67 -24.60
C GLY A 639 6.40 -17.67 -25.52
N PHE A 640 5.07 -17.67 -25.49
CA PHE A 640 4.30 -16.72 -26.29
C PHE A 640 3.34 -15.89 -25.43
N LEU A 641 3.17 -14.62 -25.77
CA LEU A 641 2.22 -13.73 -25.05
C LEU A 641 0.74 -13.99 -25.35
N PHE A 642 0.34 -14.03 -26.65
CA PHE A 642 -0.95 -14.62 -26.98
C PHE A 642 -0.70 -16.11 -27.15
N PRO A 643 -1.40 -16.94 -26.38
CA PRO A 643 -1.18 -18.39 -26.40
C PRO A 643 -1.85 -19.05 -27.62
N PRO A 644 -1.09 -19.85 -28.37
CA PRO A 644 -1.70 -20.68 -29.41
C PRO A 644 -2.93 -21.48 -28.95
N TYR A 645 -3.02 -21.83 -27.66
CA TYR A 645 -4.13 -22.64 -27.16
C TYR A 645 -5.48 -21.97 -27.34
N LEU A 646 -5.47 -20.65 -27.48
CA LEU A 646 -6.73 -19.91 -27.48
C LEU A 646 -7.07 -19.34 -28.85
N SER A 647 -6.34 -19.74 -29.88
CA SER A 647 -6.64 -19.33 -31.27
C SER A 647 -8.09 -19.61 -31.72
N SER A 648 -8.62 -18.72 -32.57
CA SER A 648 -10.01 -18.79 -33.03
C SER A 648 -10.24 -19.85 -34.13
N SER A 649 -9.17 -20.19 -34.85
CA SER A 649 -9.24 -21.15 -35.94
C SER A 649 -7.84 -21.67 -36.17
N PRO A 650 -7.71 -22.88 -36.76
CA PRO A 650 -6.39 -23.43 -37.05
C PRO A 650 -5.49 -22.53 -37.86
N GLU A 651 -6.05 -21.71 -38.75
CA GLU A 651 -5.24 -20.76 -39.53
C GLU A 651 -4.83 -19.54 -38.72
N ALA A 652 -5.73 -19.07 -37.86
CA ALA A 652 -5.40 -17.95 -36.96
C ALA A 652 -4.28 -18.34 -36.01
N LYS A 653 -4.26 -19.61 -35.63
CA LYS A 653 -3.25 -20.16 -34.72
C LYS A 653 -1.83 -19.93 -35.22
N TYR A 654 -1.66 -19.86 -36.55
CA TYR A 654 -0.34 -19.62 -37.12
C TYR A 654 0.18 -18.24 -36.73
N ASP A 655 -0.72 -17.29 -36.51
CA ASP A 655 -0.32 -15.96 -36.05
C ASP A 655 0.36 -16.04 -34.68
N ALA A 656 -0.02 -17.02 -33.89
CA ALA A 656 0.47 -17.07 -32.52
C ALA A 656 1.94 -17.50 -32.47
N PHE A 657 2.44 -18.04 -33.60
CA PHE A 657 3.81 -18.50 -33.62
C PHE A 657 4.69 -17.49 -34.26
N LEU A 658 4.16 -16.30 -34.51
CA LEU A 658 5.04 -15.25 -35.03
C LEU A 658 6.14 -14.92 -34.05
N VAL A 659 7.32 -14.61 -34.59
CA VAL A 659 8.48 -14.26 -33.79
C VAL A 659 8.25 -13.01 -32.95
N THR A 660 7.30 -12.19 -33.39
CA THR A 660 6.94 -10.98 -32.68
C THR A 660 5.94 -11.22 -31.51
N ASN A 661 5.52 -12.47 -31.32
CA ASN A 661 4.69 -12.86 -30.19
C ASN A 661 5.52 -13.68 -29.18
N MET A 662 6.81 -13.86 -29.47
CA MET A 662 7.69 -14.70 -28.66
C MET A 662 8.39 -13.91 -27.54
N VAL A 663 8.59 -14.54 -26.39
CA VAL A 663 9.42 -13.93 -25.32
C VAL A 663 10.27 -14.98 -24.63
N PRO A 664 11.41 -14.55 -24.06
CA PRO A 664 12.28 -15.55 -23.43
C PRO A 664 11.76 -15.99 -22.06
N MET A 665 11.63 -17.30 -21.89
CA MET A 665 11.16 -17.88 -20.63
C MET A 665 11.98 -19.11 -20.23
N TYR A 666 12.46 -19.11 -18.99
CA TYR A 666 13.05 -20.31 -18.42
C TYR A 666 12.03 -21.43 -18.42
N PRO A 667 12.46 -22.68 -18.64
CA PRO A 667 11.54 -23.79 -18.47
C PRO A 667 10.74 -23.80 -17.13
N ALA A 668 11.37 -23.44 -16.01
CA ALA A 668 10.62 -23.40 -14.74
C ALA A 668 9.43 -22.46 -14.86
N PHE A 669 9.68 -21.27 -15.44
CA PHE A 669 8.62 -20.31 -15.63
C PHE A 669 7.54 -20.81 -16.61
N LYS A 670 7.94 -21.48 -17.68
CA LYS A 670 6.96 -22.04 -18.62
C LYS A 670 5.98 -22.99 -17.97
N ARG A 671 6.39 -23.65 -16.89
CA ARG A 671 5.42 -24.49 -16.19
C ARG A 671 4.26 -23.64 -15.71
N VAL A 672 4.59 -22.44 -15.21
CA VAL A 672 3.56 -21.56 -14.65
C VAL A 672 2.77 -20.95 -15.79
N TRP A 673 3.50 -20.45 -16.74
CA TRP A 673 2.93 -19.67 -17.83
C TRP A 673 2.02 -20.52 -18.70
N THR A 674 2.40 -21.77 -18.97
CA THR A 674 1.59 -22.59 -19.86
C THR A 674 0.33 -22.94 -19.15
N TYR A 675 0.41 -23.19 -17.83
CA TYR A 675 -0.78 -23.47 -17.06
C TYR A 675 -1.69 -22.26 -17.06
N PHE A 676 -1.11 -21.09 -16.91
CA PHE A 676 -1.91 -19.85 -16.91
C PHE A 676 -2.63 -19.73 -18.27
N GLN A 677 -1.88 -19.91 -19.36
CA GLN A 677 -2.37 -19.68 -20.73
C GLN A 677 -3.41 -20.74 -21.11
N ARG A 678 -3.15 -21.98 -20.73
CA ARG A 678 -3.91 -23.11 -21.25
C ARG A 678 -5.15 -23.42 -20.39
N VAL A 679 -5.04 -23.25 -19.07
CA VAL A 679 -6.10 -23.62 -18.15
C VAL A 679 -6.77 -22.40 -17.52
N LEU A 680 -5.99 -21.49 -16.95
CA LEU A 680 -6.54 -20.42 -16.13
C LEU A 680 -7.30 -19.32 -16.89
N VAL A 681 -6.76 -18.88 -18.02
CA VAL A 681 -7.41 -17.80 -18.76
C VAL A 681 -8.83 -18.22 -19.18
N LYS A 682 -8.98 -19.44 -19.66
CA LYS A 682 -10.32 -19.90 -20.02
C LYS A 682 -11.17 -20.02 -18.78
N LYS A 683 -10.57 -20.43 -17.66
CA LYS A 683 -11.33 -20.57 -16.43
C LYS A 683 -11.88 -19.18 -16.03
N TYR A 684 -11.04 -18.16 -16.14
CA TYR A 684 -11.46 -16.79 -15.81
C TYR A 684 -12.57 -16.30 -16.73
N ALA A 685 -12.39 -16.51 -18.04
CA ALA A 685 -13.42 -16.20 -19.04
C ALA A 685 -14.76 -16.92 -18.72
N SER A 686 -14.70 -18.21 -18.41
CA SER A 686 -15.91 -18.91 -18.01
C SER A 686 -16.59 -18.32 -16.78
N GLU A 687 -15.79 -17.92 -15.79
CA GLU A 687 -16.33 -17.45 -14.50
C GLU A 687 -16.81 -16.00 -14.53
N ARG A 688 -16.17 -15.15 -15.35
CA ARG A 688 -16.42 -13.71 -15.38
C ARG A 688 -17.20 -13.24 -16.63
N ASN A 689 -17.69 -14.20 -17.42
CA ASN A 689 -18.46 -13.93 -18.65
C ASN A 689 -17.56 -13.27 -19.65
N GLY A 690 -16.46 -13.97 -19.94
CA GLY A 690 -15.42 -13.43 -20.78
C GLY A 690 -14.43 -12.52 -20.08
N VAL A 691 -13.23 -12.42 -20.63
CA VAL A 691 -12.22 -11.54 -20.11
C VAL A 691 -11.40 -10.93 -21.22
N ASN A 692 -10.96 -9.70 -20.97
CA ASN A 692 -9.89 -9.07 -21.73
C ASN A 692 -8.57 -9.18 -20.97
N VAL A 693 -7.54 -9.65 -21.66
CA VAL A 693 -6.22 -9.82 -21.10
C VAL A 693 -5.25 -8.90 -21.77
N ILE A 694 -4.45 -8.18 -20.98
CA ILE A 694 -3.24 -7.57 -21.54
C ILE A 694 -2.04 -8.19 -20.83
N SER A 695 -1.11 -8.77 -21.58
CA SER A 695 0.09 -9.39 -20.96
C SER A 695 1.39 -8.79 -21.50
N GLY A 696 2.48 -8.94 -20.77
CA GLY A 696 3.72 -8.37 -21.23
C GLY A 696 4.88 -8.55 -20.27
N PRO A 697 6.09 -8.13 -20.72
CA PRO A 697 7.31 -8.20 -19.89
C PRO A 697 7.50 -6.98 -19.02
N ILE A 698 8.26 -7.19 -17.95
CA ILE A 698 8.74 -6.12 -17.05
C ILE A 698 10.23 -6.31 -16.84
N PHE A 699 10.98 -5.23 -16.91
CA PHE A 699 12.38 -5.19 -16.54
C PHE A 699 12.61 -4.33 -15.30
N ASP A 700 12.92 -4.98 -14.17
CA ASP A 700 13.27 -4.24 -12.98
C ASP A 700 14.50 -4.88 -12.33
N TYR A 701 15.65 -4.79 -13.01
CA TYR A 701 16.88 -5.35 -12.49
C TYR A 701 17.38 -4.72 -11.19
N ASN A 702 17.10 -3.43 -10.98
CA ASN A 702 17.57 -2.73 -9.80
C ASN A 702 16.46 -2.64 -8.73
N TYR A 703 15.40 -3.42 -8.94
CA TYR A 703 14.35 -3.64 -7.92
C TYR A 703 13.83 -2.36 -7.28
N ASN A 704 13.64 -1.33 -8.11
CA ASN A 704 13.16 -0.06 -7.56
C ASN A 704 11.68 0.15 -7.91
N GLY A 705 11.04 -0.86 -8.50
CA GLY A 705 9.61 -0.81 -8.78
C GLY A 705 9.29 0.06 -10.00
N LEU A 706 10.35 0.44 -10.73
CA LEU A 706 10.20 1.36 -11.88
C LEU A 706 10.80 0.73 -13.14
N ARG A 707 10.20 1.04 -14.28
CA ARG A 707 10.71 0.57 -15.58
C ARG A 707 12.24 0.76 -15.68
N ASP A 708 12.99 -0.30 -15.97
CA ASP A 708 14.42 -0.12 -16.26
C ASP A 708 14.65 0.64 -17.61
N ILE A 709 15.68 1.47 -17.64
CA ILE A 709 16.22 1.95 -18.92
C ILE A 709 17.20 0.90 -19.47
N GLU A 710 17.59 0.98 -20.75
CA GLU A 710 18.41 -0.09 -21.34
C GLU A 710 19.68 -0.41 -20.58
N ASP A 711 20.32 0.64 -20.11
CA ASP A 711 21.53 0.47 -19.32
C ASP A 711 21.36 -0.41 -18.08
N GLU A 712 20.14 -0.49 -17.55
CA GLU A 712 19.88 -1.19 -16.30
C GLU A 712 19.56 -2.67 -16.49
N ILE A 713 19.24 -3.06 -17.72
CA ILE A 713 19.06 -4.50 -18.03
C ILE A 713 20.39 -5.30 -17.96
N LYS A 714 20.36 -6.46 -17.28
CA LYS A 714 21.62 -7.13 -16.93
C LYS A 714 21.72 -8.54 -17.48
N GLN A 715 20.65 -9.05 -18.05
CA GLN A 715 20.68 -10.40 -18.64
C GLN A 715 20.07 -10.45 -20.05
N TYR A 716 20.74 -11.17 -20.96
CA TYR A 716 20.28 -11.33 -22.36
C TYR A 716 20.23 -12.82 -22.73
N VAL A 717 19.45 -13.18 -23.74
CA VAL A 717 19.51 -14.57 -24.22
C VAL A 717 20.94 -14.84 -24.72
N GLU A 718 21.42 -16.05 -24.47
CA GLU A 718 22.83 -16.38 -24.70
C GLU A 718 23.23 -15.96 -26.13
N GLY A 719 24.27 -15.13 -26.22
CA GLY A 719 24.86 -14.74 -27.49
C GLY A 719 24.10 -13.71 -28.29
N SER A 720 23.07 -13.11 -27.69
CA SER A 720 22.18 -12.21 -28.39
C SER A 720 22.00 -10.91 -27.62
N SER A 721 21.33 -9.95 -28.21
CA SER A 721 20.90 -8.76 -27.47
C SER A 721 19.38 -8.81 -27.14
N ILE A 722 18.84 -10.02 -26.99
CA ILE A 722 17.46 -10.19 -26.54
C ILE A 722 17.42 -10.10 -25.00
N PRO A 723 16.83 -9.02 -24.46
CA PRO A 723 16.84 -8.85 -23.00
C PRO A 723 15.87 -9.81 -22.32
N VAL A 724 16.21 -10.20 -21.09
CA VAL A 724 15.43 -11.17 -20.32
C VAL A 724 14.59 -10.35 -19.28
N PRO A 725 13.25 -10.46 -19.33
CA PRO A 725 12.35 -9.76 -18.36
C PRO A 725 12.63 -10.32 -16.96
N THR A 726 12.55 -9.48 -15.94
CA THR A 726 12.59 -10.00 -14.57
C THR A 726 11.21 -10.55 -14.14
N HIS A 727 10.16 -10.06 -14.79
CA HIS A 727 8.80 -10.49 -14.51
C HIS A 727 7.92 -10.47 -15.75
N TYR A 728 6.78 -11.15 -15.69
CA TYR A 728 5.76 -11.02 -16.73
C TYR A 728 4.49 -10.64 -16.08
N TYR A 729 3.77 -9.67 -16.66
CA TYR A 729 2.53 -9.26 -16.04
C TYR A 729 1.35 -9.67 -16.89
N SER A 730 0.19 -9.72 -16.25
CA SER A 730 -1.04 -9.85 -16.99
C SER A 730 -2.14 -9.09 -16.25
N ILE A 731 -3.00 -8.40 -17.00
CA ILE A 731 -4.06 -7.57 -16.42
C ILE A 731 -5.32 -8.13 -17.03
N ILE A 732 -6.22 -8.65 -16.20
CA ILE A 732 -7.41 -9.34 -16.67
C ILE A 732 -8.68 -8.57 -16.27
N THR A 733 -9.39 -8.02 -17.26
CA THR A 733 -10.52 -7.09 -17.04
C THR A 733 -11.83 -7.70 -17.53
N SER A 734 -12.90 -7.46 -16.78
CA SER A 734 -14.22 -7.90 -17.19
C SER A 734 -15.26 -6.89 -16.74
N CYS A 735 -16.54 -7.22 -16.91
CA CYS A 735 -17.56 -6.28 -16.55
C CYS A 735 -17.91 -6.51 -15.08
N LEU A 736 -17.98 -5.45 -14.28
CA LEU A 736 -18.36 -5.65 -12.88
C LEU A 736 -19.75 -6.28 -12.79
N ASP A 737 -20.63 -5.85 -13.68
CA ASP A 737 -21.88 -6.54 -13.86
C ASP A 737 -21.62 -7.77 -14.72
N PHE A 738 -21.49 -8.92 -14.05
CA PHE A 738 -21.09 -10.14 -14.69
C PHE A 738 -22.17 -10.68 -15.64
N THR A 739 -23.38 -10.12 -15.59
CA THR A 739 -24.40 -10.59 -16.51
C THR A 739 -24.15 -10.04 -17.92
N GLN A 740 -23.24 -9.06 -18.04
CA GLN A 740 -22.81 -8.56 -19.34
C GLN A 740 -21.45 -9.12 -19.75
N PRO A 741 -21.31 -9.47 -21.04
CA PRO A 741 -20.02 -9.97 -21.53
C PRO A 741 -19.00 -8.87 -21.47
N ALA A 742 -17.74 -9.25 -21.35
CA ALA A 742 -16.67 -8.26 -21.17
C ALA A 742 -16.60 -7.28 -22.34
N ASP A 743 -16.97 -7.74 -23.53
CA ASP A 743 -16.85 -6.92 -24.74
C ASP A 743 -18.02 -5.96 -24.97
N LYS A 744 -19.10 -6.14 -24.22
CA LYS A 744 -20.27 -5.28 -24.30
C LYS A 744 -20.62 -4.69 -22.92
N CYS A 745 -19.60 -4.26 -22.20
CA CYS A 745 -19.85 -3.82 -20.83
C CYS A 745 -20.26 -2.36 -20.83
N ASP A 746 -21.35 -2.09 -20.13
CA ASP A 746 -21.87 -0.73 -20.06
C ASP A 746 -21.20 0.14 -19.01
N GLY A 747 -20.94 -0.44 -17.82
CA GLY A 747 -20.62 0.34 -16.64
C GLY A 747 -19.26 0.02 -16.05
N PRO A 748 -19.19 -0.03 -14.72
CA PRO A 748 -17.89 -0.23 -14.06
C PRO A 748 -17.28 -1.58 -14.42
N LEU A 749 -15.95 -1.61 -14.27
CA LEU A 749 -15.10 -2.71 -14.68
C LEU A 749 -14.66 -3.47 -13.44
N SER A 750 -14.28 -4.72 -13.64
CA SER A 750 -13.65 -5.52 -12.60
C SER A 750 -12.28 -5.95 -13.11
N VAL A 751 -11.22 -5.82 -12.28
CA VAL A 751 -9.88 -6.10 -12.77
C VAL A 751 -9.13 -7.00 -11.76
N SER A 752 -8.34 -7.93 -12.26
CA SER A 752 -7.36 -8.60 -11.42
C SER A 752 -6.07 -8.67 -12.21
N SER A 753 -4.94 -8.59 -11.52
CA SER A 753 -3.67 -8.54 -12.23
C SER A 753 -2.59 -9.25 -11.45
N PHE A 754 -1.52 -9.59 -12.15
CA PHE A 754 -0.40 -10.33 -11.52
C PHE A 754 0.91 -9.80 -12.06
N ILE A 755 1.99 -9.88 -11.24
CA ILE A 755 3.34 -9.61 -11.74
C ILE A 755 4.14 -10.84 -11.30
N LEU A 756 4.31 -11.79 -12.22
CA LEU A 756 4.95 -13.06 -11.90
C LEU A 756 6.47 -12.99 -12.04
N PRO A 757 7.17 -13.44 -11.00
CA PRO A 757 8.63 -13.41 -11.10
C PRO A 757 9.17 -14.40 -12.13
N HIS A 758 10.11 -13.94 -12.93
CA HIS A 758 10.66 -14.78 -13.99
C HIS A 758 11.93 -15.42 -13.44
N ARG A 759 11.80 -16.62 -12.90
CA ARG A 759 12.92 -17.26 -12.20
C ARG A 759 13.34 -18.60 -12.85
N PRO A 760 14.64 -18.94 -12.71
CA PRO A 760 15.16 -20.20 -13.32
C PRO A 760 14.79 -21.48 -12.56
N ASP A 761 14.19 -21.33 -11.38
CA ASP A 761 13.66 -22.52 -10.73
C ASP A 761 12.34 -22.20 -10.03
N ASN A 762 11.70 -23.24 -9.50
CA ASN A 762 10.48 -23.06 -8.73
C ASN A 762 10.71 -23.29 -7.22
N ASP A 763 11.87 -22.83 -6.72
CA ASP A 763 12.21 -23.09 -5.33
C ASP A 763 11.22 -22.37 -4.41
N GLU A 764 10.64 -21.29 -4.90
CA GLU A 764 9.61 -20.58 -4.13
C GLU A 764 8.39 -21.49 -3.82
N SER A 765 8.07 -22.44 -4.71
CA SER A 765 6.86 -23.24 -4.56
C SER A 765 7.25 -24.59 -4.03
N CYS A 766 6.98 -24.85 -2.74
CA CYS A 766 7.45 -26.09 -2.12
C CYS A 766 6.82 -27.34 -2.72
N ASN A 767 5.68 -27.18 -3.37
CA ASN A 767 4.98 -28.35 -3.96
C ASN A 767 5.11 -28.46 -5.46
N SER A 768 6.11 -27.82 -6.05
CA SER A 768 6.22 -27.72 -7.50
C SER A 768 6.56 -29.06 -8.15
N SER A 769 6.94 -30.07 -7.39
CA SER A 769 7.26 -31.34 -8.03
C SER A 769 5.97 -31.98 -8.53
N GLU A 770 4.86 -31.53 -7.94
CA GLU A 770 3.52 -32.00 -8.29
C GLU A 770 3.01 -31.40 -9.60
N ASP A 771 1.85 -31.88 -10.06
CA ASP A 771 1.16 -31.27 -11.22
C ASP A 771 0.83 -29.81 -10.89
N GLU A 772 0.86 -28.99 -11.92
CA GLU A 772 0.66 -27.54 -11.85
C GLU A 772 -0.69 -27.16 -11.23
N SER A 773 -1.69 -28.01 -11.39
CA SER A 773 -2.96 -27.84 -10.67
C SER A 773 -2.83 -27.84 -9.15
N LYS A 774 -1.68 -28.28 -8.65
CA LYS A 774 -1.48 -28.31 -7.21
C LYS A 774 -0.67 -27.16 -6.64
N TRP A 775 -0.13 -26.28 -7.48
CA TRP A 775 0.76 -25.22 -6.95
C TRP A 775 0.81 -23.89 -7.71
N VAL A 776 0.49 -23.90 -9.00
CA VAL A 776 0.61 -22.65 -9.76
C VAL A 776 -0.32 -21.52 -9.30
N GLU A 777 -1.60 -21.83 -9.04
CA GLU A 777 -2.50 -20.76 -8.61
C GLU A 777 -2.09 -20.19 -7.26
N GLU A 778 -1.57 -21.04 -6.38
CA GLU A 778 -1.08 -20.55 -5.08
C GLU A 778 0.03 -19.51 -5.29
N LEU A 779 0.96 -19.83 -6.20
CA LEU A 779 2.01 -18.89 -6.55
C LEU A 779 1.45 -17.58 -7.12
N MET A 780 0.45 -17.69 -7.99
CA MET A 780 -0.05 -16.49 -8.61
C MET A 780 -0.72 -15.57 -7.61
N LYS A 781 -1.47 -16.17 -6.71
CA LYS A 781 -2.16 -15.40 -5.68
C LYS A 781 -1.18 -14.55 -4.85
N MET A 782 -0.01 -15.11 -4.58
CA MET A 782 1.02 -14.41 -3.79
C MET A 782 1.56 -13.19 -4.57
N HIS A 783 1.48 -13.26 -5.91
CA HIS A 783 2.09 -12.23 -6.73
C HIS A 783 1.00 -11.39 -7.45
N THR A 784 -0.18 -11.35 -6.88
CA THR A 784 -1.19 -10.39 -7.30
C THR A 784 -0.66 -8.97 -7.26
N ALA A 785 -1.22 -8.08 -8.09
CA ALA A 785 -0.69 -6.73 -8.22
C ALA A 785 -1.78 -5.74 -8.63
N ARG A 786 -1.54 -4.45 -8.38
CA ARG A 786 -2.43 -3.39 -8.86
C ARG A 786 -2.03 -3.04 -10.25
N VAL A 787 -2.98 -2.61 -11.07
CA VAL A 787 -2.60 -2.11 -12.39
C VAL A 787 -1.59 -0.97 -12.28
N ARG A 788 -1.73 -0.16 -11.22
CA ARG A 788 -0.82 0.93 -11.00
C ARG A 788 0.65 0.44 -10.82
N ASP A 789 0.79 -0.73 -10.19
CA ASP A 789 2.11 -1.29 -9.97
C ASP A 789 2.74 -1.61 -11.34
N ILE A 790 1.92 -2.19 -12.20
CA ILE A 790 2.36 -2.53 -13.57
C ILE A 790 2.73 -1.26 -14.34
N GLU A 791 1.94 -0.19 -14.17
CA GLU A 791 2.24 1.05 -14.86
C GLU A 791 3.60 1.60 -14.47
N HIS A 792 3.90 1.60 -13.18
CA HIS A 792 5.23 2.05 -12.72
C HIS A 792 6.34 1.24 -13.35
N LEU A 793 6.15 -0.06 -13.44
CA LEU A 793 7.18 -1.02 -13.91
C LEU A 793 7.33 -1.03 -15.45
N THR A 794 6.37 -0.44 -16.16
CA THR A 794 6.37 -0.59 -17.65
C THR A 794 6.41 0.76 -18.36
N GLY A 795 6.12 1.83 -17.62
CA GLY A 795 5.97 3.13 -18.27
C GLY A 795 4.81 3.20 -19.25
N LEU A 796 3.83 2.30 -19.08
CA LEU A 796 2.57 2.34 -19.83
C LEU A 796 1.44 2.96 -19.02
N ASP A 797 0.43 3.50 -19.70
CA ASP A 797 -0.77 4.02 -19.04
C ASP A 797 -2.01 3.36 -19.63
N PHE A 798 -2.77 2.67 -18.80
CA PHE A 798 -3.88 1.82 -19.27
C PHE A 798 -5.26 2.50 -19.11
N TYR A 799 -6.29 1.92 -19.73
CA TYR A 799 -7.67 2.38 -19.60
C TYR A 799 -7.91 3.85 -20.02
N ARG A 800 -7.27 4.28 -21.10
CA ARG A 800 -7.41 5.66 -21.50
C ARG A 800 -8.71 5.96 -22.26
N LYS A 801 -9.28 4.95 -22.91
CA LYS A 801 -10.56 5.09 -23.63
C LYS A 801 -11.68 4.23 -23.05
N THR A 802 -12.42 4.78 -22.09
CA THR A 802 -13.54 4.09 -21.43
C THR A 802 -14.72 5.04 -21.26
N SER A 803 -15.87 4.48 -20.88
CA SER A 803 -17.06 5.27 -20.54
C SER A 803 -17.09 5.80 -19.10
N ARG A 804 -16.01 5.58 -18.35
CA ARG A 804 -15.99 5.98 -16.93
C ARG A 804 -15.22 7.27 -16.74
N SER A 805 -15.36 7.89 -15.57
CA SER A 805 -14.64 9.11 -15.29
C SER A 805 -13.18 8.76 -15.05
N TYR A 806 -12.31 9.75 -15.20
CA TYR A 806 -10.91 9.49 -14.89
C TYR A 806 -10.68 9.15 -13.41
N SER A 807 -11.46 9.73 -12.50
CA SER A 807 -11.30 9.39 -11.07
C SER A 807 -11.69 7.94 -10.84
N GLU A 808 -12.73 7.48 -11.51
CA GLU A 808 -13.15 6.08 -11.34
C GLU A 808 -12.09 5.14 -11.85
N ILE A 809 -11.42 5.54 -12.92
CA ILE A 809 -10.42 4.66 -13.52
C ILE A 809 -9.21 4.62 -12.55
N LEU A 810 -8.91 5.74 -11.92
CA LEU A 810 -7.76 5.76 -10.99
C LEU A 810 -8.05 4.83 -9.83
N THR A 811 -9.28 4.84 -9.33
CA THR A 811 -9.70 3.82 -8.33
C THR A 811 -9.52 2.39 -8.83
N LEU A 812 -9.92 2.12 -10.05
CA LEU A 812 -9.75 0.80 -10.61
C LEU A 812 -8.28 0.39 -10.63
N LYS A 813 -7.43 1.32 -11.06
CA LYS A 813 -6.01 1.01 -11.24
C LYS A 813 -5.30 0.77 -9.89
N THR A 814 -5.86 1.27 -8.80
CA THR A 814 -5.26 1.01 -7.45
C THR A 814 -5.81 -0.24 -6.73
N TYR A 815 -6.80 -0.88 -7.33
CA TYR A 815 -7.43 -2.06 -6.74
C TYR A 815 -6.43 -3.20 -6.67
N LEU A 816 -6.48 -3.95 -5.56
CA LEU A 816 -5.68 -5.16 -5.45
C LEU A 816 -6.60 -6.32 -5.15
N HIS A 817 -6.58 -7.33 -6.02
CA HIS A 817 -7.39 -8.51 -5.76
C HIS A 817 -6.59 -9.37 -4.74
N THR A 818 -7.10 -9.51 -3.51
CA THR A 818 -6.25 -10.13 -2.46
C THR A 818 -6.41 -11.62 -2.24
N TYR A 819 -7.52 -12.20 -2.71
CA TYR A 819 -7.72 -13.67 -2.51
C TYR A 819 -7.80 -14.13 -1.05
N GLU A 820 -8.14 -13.24 -0.13
CA GLU A 820 -8.21 -13.62 1.28
C GLU A 820 -9.57 -14.22 1.68
#